data_9C01
# 
_entry.id   9C01 
# 
_audit_conform.dict_name       mmcif_pdbx.dic 
_audit_conform.dict_version    5.407 
_audit_conform.dict_location   http://mmcif.pdb.org/dictionaries/ascii/mmcif_pdbx.dic 
# 
loop_
_database_2.database_id 
_database_2.database_code 
_database_2.pdbx_database_accession 
_database_2.pdbx_DOI 
PDB   9C01         pdb_00009c01 10.2210/pdb9c01/pdb 
WWPDB D_1000282899 ?            ?                   
# 
_pdbx_audit_revision_history.ordinal             1 
_pdbx_audit_revision_history.data_content_type   'Structure model' 
_pdbx_audit_revision_history.major_revision      1 
_pdbx_audit_revision_history.minor_revision      0 
_pdbx_audit_revision_history.revision_date       2025-11-26 
_pdbx_audit_revision_history.part_number         ? 
# 
_pdbx_audit_revision_details.ordinal             1 
_pdbx_audit_revision_details.revision_ordinal    1 
_pdbx_audit_revision_details.data_content_type   'Structure model' 
_pdbx_audit_revision_details.provider            repository 
_pdbx_audit_revision_details.type                'Initial release' 
_pdbx_audit_revision_details.description         ? 
_pdbx_audit_revision_details.details             ? 
# 
_pdbx_database_status.status_code                     REL 
_pdbx_database_status.status_code_sf                  REL 
_pdbx_database_status.status_code_mr                  ? 
_pdbx_database_status.entry_id                        9C01 
_pdbx_database_status.recvd_initial_deposition_date   2024-05-24 
_pdbx_database_status.SG_entry                        N 
_pdbx_database_status.deposit_site                    RCSB 
_pdbx_database_status.process_site                    RCSB 
_pdbx_database_status.status_code_cs                  ? 
_pdbx_database_status.status_code_nmr_data            ? 
_pdbx_database_status.methods_development_category    ? 
_pdbx_database_status.pdb_format_compatible           Y 
# 
_pdbx_contact_author.id                 2 
_pdbx_contact_author.email              andyn@uic.edu 
_pdbx_contact_author.name_first         Andy 
_pdbx_contact_author.name_last          Nguyen 
_pdbx_contact_author.name_mi            I 
_pdbx_contact_author.role               'principal investigator/group leader' 
_pdbx_contact_author.identifier_ORCID   0000-0003-4137-6453 
# 
_audit_author.name               'Heinz-Kunert, S.L.' 
_audit_author.pdbx_ordinal       1 
_audit_author.identifier_ORCID   0009-0002-5884-1294 
# 
_citation.abstract                  ? 
_citation.abstract_id_CAS           ? 
_citation.book_id_ISBN              ? 
_citation.book_publisher            ? 
_citation.book_publisher_city       ? 
_citation.book_title                ? 
_citation.coordinate_linkage        ? 
_citation.country                   ? 
_citation.database_id_Medline       ? 
_citation.details                   ? 
_citation.id                        primary 
_citation.journal_abbrev            'To Be Published' 
_citation.journal_id_ASTM           ? 
_citation.journal_id_CSD            0353 
_citation.journal_id_ISSN           ? 
_citation.journal_full              ? 
_citation.journal_issue             ? 
_citation.journal_volume            ? 
_citation.language                  ? 
_citation.page_first                ? 
_citation.page_last                 ? 
_citation.title                     'Evolvable conformational diversity in assemblies of short peptides' 
_citation.year                      ? 
_citation.database_id_CSD           ? 
_citation.pdbx_database_id_DOI      ? 
_citation.pdbx_database_id_PubMed   ? 
_citation.pdbx_database_id_patent   ? 
_citation.unpublished_flag          ? 
# 
loop_
_citation_author.citation_id 
_citation_author.name 
_citation_author.ordinal 
_citation_author.identifier_ORCID 
primary 'Heinz-Kunert, S.L.' 1 0009-0002-5884-1294 
primary 'Nguyen, A.I.'       2 0000-0003-4137-6453 
# 
loop_
_entity.id 
_entity.type 
_entity.src_method 
_entity.pdbx_description 
_entity.formula_weight 
_entity.pdbx_number_of_molecules 
_entity.pdbx_ec 
_entity.pdbx_mutation 
_entity.pdbx_fragment 
_entity.details 
1 polymer     syn UIC-1                                                   897.114 1  ? ? ? ? 
2 non-polymer syn "5'-(hydrazinecarbonyl)[2,2'-bipyridine]-5-carboxamide" 257.248 1  ? ? ? ? 
3 non-polymer syn 
;ethyl 5'-formyl[2,2'-bipyridine]-5-carboxylate
;
272.256 1  ? ? ? ? 
4 non-polymer syn PHENOL                                                  94.111  1  ? ? ? ? 
5 water       nat water                                                   18.015  21 ? ? ? ? 
# 
_entity_poly.entity_id                      1 
_entity_poly.type                           'polypeptide(L)' 
_entity_poly.nstd_linkage                   no 
_entity_poly.nstd_monomer                   yes 
_entity_poly.pdbx_seq_one_letter_code       'L(AIB)A(AIB)L(AIB)Q(AIB)L' 
_entity_poly.pdbx_seq_one_letter_code_can   LAAALAQAL 
_entity_poly.pdbx_strand_id                 A 
_entity_poly.pdbx_target_identifier         ? 
# 
loop_
_pdbx_entity_nonpoly.entity_id 
_pdbx_entity_nonpoly.name 
_pdbx_entity_nonpoly.comp_id 
2 "5'-(hydrazinecarbonyl)[2,2'-bipyridine]-5-carboxamide" I77 
3 
;ethyl 5'-formyl[2,2'-bipyridine]-5-carboxylate
;
I6W 
4 PHENOL                                                  IPH 
5 water                                                   HOH 
# 
loop_
_entity_poly_seq.entity_id 
_entity_poly_seq.num 
_entity_poly_seq.mon_id 
_entity_poly_seq.hetero 
1 1 LEU n 
1 2 AIB n 
1 3 ALA n 
1 4 AIB n 
1 5 LEU n 
1 6 AIB n 
1 7 GLN n 
1 8 AIB n 
1 9 LEU n 
# 
_pdbx_entity_src_syn.entity_id              1 
_pdbx_entity_src_syn.pdbx_src_id            1 
_pdbx_entity_src_syn.pdbx_alt_source_flag   sample 
_pdbx_entity_src_syn.pdbx_beg_seq_num       1 
_pdbx_entity_src_syn.pdbx_end_seq_num       9 
_pdbx_entity_src_syn.organism_scientific    'synthetic construct' 
_pdbx_entity_src_syn.organism_common_name   ? 
_pdbx_entity_src_syn.ncbi_taxonomy_id       32630 
_pdbx_entity_src_syn.details                ? 
# 
loop_
_chem_comp.id 
_chem_comp.type 
_chem_comp.mon_nstd_flag 
_chem_comp.name 
_chem_comp.pdbx_synonyms 
_chem_comp.formula 
_chem_comp.formula_weight 
AIB 'L-peptide linking' n 'ALPHA-AMINOISOBUTYRIC ACID'                            ? 'C4 H9 N O2'    103.120 
ALA 'L-peptide linking' y ALANINE                                                 ? 'C3 H7 N O2'    89.093  
GLN 'L-peptide linking' y GLUTAMINE                                               ? 'C5 H10 N2 O3'  146.144 
HOH non-polymer         . WATER                                                   ? 'H2 O'          18.015  
I6W non-polymer         . 
;ethyl 5'-formyl[2,2'-bipyridine]-5-carboxylate
;
? 'C14 H12 N2 O4' 272.256 
I77 non-polymer         . "5'-(hydrazinecarbonyl)[2,2'-bipyridine]-5-carboxamide" ? 'C12 H11 N5 O2' 257.248 
IPH non-polymer         . PHENOL                                                  ? 'C6 H6 O'       94.111  
LEU 'L-peptide linking' y LEUCINE                                                 ? 'C6 H13 N O2'   131.173 
# 
loop_
_pdbx_poly_seq_scheme.asym_id 
_pdbx_poly_seq_scheme.entity_id 
_pdbx_poly_seq_scheme.seq_id 
_pdbx_poly_seq_scheme.mon_id 
_pdbx_poly_seq_scheme.ndb_seq_num 
_pdbx_poly_seq_scheme.pdb_seq_num 
_pdbx_poly_seq_scheme.auth_seq_num 
_pdbx_poly_seq_scheme.pdb_mon_id 
_pdbx_poly_seq_scheme.auth_mon_id 
_pdbx_poly_seq_scheme.pdb_strand_id 
_pdbx_poly_seq_scheme.pdb_ins_code 
_pdbx_poly_seq_scheme.hetero 
A 1 1 LEU 1 2  2  LEU LEU A . n 
A 1 2 AIB 2 3  3  AIB AIB A . n 
A 1 3 ALA 3 4  4  ALA ALA A . n 
A 1 4 AIB 4 5  5  AIB AIB A . n 
A 1 5 LEU 5 6  6  LEU LEU A . n 
A 1 6 AIB 6 7  7  AIB AIB A . n 
A 1 7 GLN 7 8  8  GLN GLN A . n 
A 1 8 AIB 8 9  9  AIB AIB A . n 
A 1 9 LEU 9 10 10 LEU LEU A . n 
# 
loop_
_pdbx_entity_instance_feature.ordinal 
_pdbx_entity_instance_feature.comp_id 
_pdbx_entity_instance_feature.asym_id 
_pdbx_entity_instance_feature.seq_num 
_pdbx_entity_instance_feature.auth_comp_id 
_pdbx_entity_instance_feature.auth_asym_id 
_pdbx_entity_instance_feature.auth_seq_num 
_pdbx_entity_instance_feature.feature_type 
_pdbx_entity_instance_feature.details 
1 I77 ? ? I77 ? ? 'SUBJECT OF INVESTIGATION' ? 
2 I6W ? ? I6W ? ? 'SUBJECT OF INVESTIGATION' ? 
3 AIB ? ? AIB ? ? 'SUBJECT OF INVESTIGATION' ? 
4 IPH ? ? IPH ? ? 'SUBJECT OF INVESTIGATION' ? 
# 
loop_
_pdbx_nonpoly_scheme.asym_id 
_pdbx_nonpoly_scheme.entity_id 
_pdbx_nonpoly_scheme.mon_id 
_pdbx_nonpoly_scheme.ndb_seq_num 
_pdbx_nonpoly_scheme.pdb_seq_num 
_pdbx_nonpoly_scheme.auth_seq_num 
_pdbx_nonpoly_scheme.pdb_mon_id 
_pdbx_nonpoly_scheme.auth_mon_id 
_pdbx_nonpoly_scheme.pdb_strand_id 
_pdbx_nonpoly_scheme.pdb_ins_code 
B 2 I77 1  101 11 I77 BPH A . 
C 3 I6W 1  102 1  I6W BPE A . 
D 4 IPH 1  103 1  IPH IPH A . 
E 5 HOH 1  201 12 HOH HOH A . 
E 5 HOH 2  202 3  HOH HOH A . 
E 5 HOH 3  203 6  HOH HOH A . 
E 5 HOH 4  204 1  HOH HOH A . 
E 5 HOH 5  205 8  HOH HOH A . 
E 5 HOH 6  206 10 HOH HOH A . 
E 5 HOH 7  207 13 HOH HOH A . 
E 5 HOH 8  208 5  HOH HOH A . 
E 5 HOH 9  209 17 HOH HOH A . 
E 5 HOH 10 210 7  HOH HOH A . 
E 5 HOH 11 211 11 HOH HOH A . 
E 5 HOH 12 212 16 HOH HOH A . 
E 5 HOH 13 213 21 HOH HOH A . 
E 5 HOH 14 214 4  HOH HOH A . 
E 5 HOH 15 215 9  HOH HOH A . 
E 5 HOH 16 216 2  HOH HOH A . 
E 5 HOH 17 217 15 HOH HOH A . 
E 5 HOH 18 218 20 HOH HOH A . 
E 5 HOH 19 219 14 HOH HOH A . 
E 5 HOH 20 220 18 HOH HOH A . 
E 5 HOH 21 221 19 HOH HOH A . 
# 
loop_
_software.citation_id 
_software.classification 
_software.compiler_name 
_software.compiler_version 
_software.contact_author 
_software.contact_author_email 
_software.date 
_software.description 
_software.dependencies 
_software.hardware 
_software.language 
_software.location 
_software.mods 
_software.name 
_software.os 
_software.os_version 
_software.type 
_software.version 
_software.pdbx_ordinal 
? refinement       ? ? ? ? ? ? ? ? ? ? ? PHENIX      ? ? ? 1.20.1_4487 1 
? 'data reduction' ? ? ? ? ? ? ? ? ? ? ? CrysalisPro ? ? ? .           2 
? 'data scaling'   ? ? ? ? ? ? ? ? ? ? ? CrysalisPro ? ? ? .           3 
? phasing          ? ? ? ? ? ? ? ? ? ? ? PHASER      ? ? ? .           4 
# 
_cell.angle_alpha                  90.000 
_cell.angle_alpha_esd              ? 
_cell.angle_beta                   98.750 
_cell.angle_beta_esd               ? 
_cell.angle_gamma                  90.000 
_cell.angle_gamma_esd              ? 
_cell.entry_id                     9C01 
_cell.details                      ? 
_cell.formula_units_Z              ? 
_cell.length_a                     13.916 
_cell.length_a_esd                 ? 
_cell.length_b                     13.389 
_cell.length_b_esd                 ? 
_cell.length_c                     27.419 
_cell.length_c_esd                 ? 
_cell.volume                       5049.286 
_cell.volume_esd                   ? 
_cell.Z_PDB                        2 
_cell.reciprocal_angle_alpha       ? 
_cell.reciprocal_angle_beta        ? 
_cell.reciprocal_angle_gamma       ? 
_cell.reciprocal_angle_alpha_esd   ? 
_cell.reciprocal_angle_beta_esd    ? 
_cell.reciprocal_angle_gamma_esd   ? 
_cell.reciprocal_length_a          ? 
_cell.reciprocal_length_b          ? 
_cell.reciprocal_length_c          ? 
_cell.reciprocal_length_a_esd      ? 
_cell.reciprocal_length_b_esd      ? 
_cell.reciprocal_length_c_esd      ? 
_cell.pdbx_unique_axis             ? 
_cell.pdbx_esd_method              ? 
# 
_symmetry.entry_id                         9C01 
_symmetry.cell_setting                     ? 
_symmetry.Int_Tables_number                4 
_symmetry.space_group_name_Hall            'P 2yb' 
_symmetry.space_group_name_H-M             'P 1 21 1' 
_symmetry.pdbx_full_space_group_name_H-M   ? 
# 
_exptl.absorpt_coefficient_mu     ? 
_exptl.absorpt_correction_T_max   ? 
_exptl.absorpt_correction_T_min   ? 
_exptl.absorpt_correction_type    ? 
_exptl.absorpt_process_details    ? 
_exptl.entry_id                   9C01 
_exptl.crystals_number            1 
_exptl.details                    ? 
_exptl.method                     'X-RAY DIFFRACTION' 
_exptl.method_details             ? 
# 
_exptl_crystal.colour                       ? 
_exptl_crystal.density_diffrn               ? 
_exptl_crystal.density_Matthews             1.7 
_exptl_crystal.density_method               ? 
_exptl_crystal.density_percent_sol          27.7 
_exptl_crystal.description                  ? 
_exptl_crystal.F_000                        ? 
_exptl_crystal.id                           1 
_exptl_crystal.preparation                  ? 
_exptl_crystal.size_max                     ? 
_exptl_crystal.size_mid                     ? 
_exptl_crystal.size_min                     ? 
_exptl_crystal.size_rad                     ? 
_exptl_crystal.colour_lustre                ? 
_exptl_crystal.colour_modifier              ? 
_exptl_crystal.colour_primary               ? 
_exptl_crystal.density_meas                 ? 
_exptl_crystal.density_meas_esd             ? 
_exptl_crystal.density_meas_gt              ? 
_exptl_crystal.density_meas_lt              ? 
_exptl_crystal.density_meas_temp            ? 
_exptl_crystal.density_meas_temp_esd        ? 
_exptl_crystal.density_meas_temp_gt         ? 
_exptl_crystal.density_meas_temp_lt         ? 
_exptl_crystal.pdbx_crystal_image_url       ? 
_exptl_crystal.pdbx_crystal_image_format    ? 
_exptl_crystal.pdbx_mosaicity               ? 
_exptl_crystal.pdbx_mosaicity_esd           ? 
_exptl_crystal.pdbx_mosaic_method           ? 
_exptl_crystal.pdbx_mosaic_block_size       ? 
_exptl_crystal.pdbx_mosaic_block_size_esd   ? 
# 
_exptl_crystal_grow.apparatus       ? 
_exptl_crystal_grow.atmosphere      ? 
_exptl_crystal_grow.crystal_id      1 
_exptl_crystal_grow.details         ? 
_exptl_crystal_grow.method          'SLOW COOLING' 
_exptl_crystal_grow.method_ref      ? 
_exptl_crystal_grow.pH              ? 
_exptl_crystal_grow.pressure        ? 
_exptl_crystal_grow.pressure_esd    ? 
_exptl_crystal_grow.seeding         ? 
_exptl_crystal_grow.seeding_ref     ? 
_exptl_crystal_grow.temp_details    ? 
_exptl_crystal_grow.temp_esd        ? 
_exptl_crystal_grow.time            ? 
_exptl_crystal_grow.pdbx_details    'acetonitrile and water' 
_exptl_crystal_grow.pdbx_pH_range   ? 
_exptl_crystal_grow.temp            298 
# 
_diffrn.ambient_environment              ? 
_diffrn.ambient_temp                     100 
_diffrn.ambient_temp_details             ? 
_diffrn.ambient_temp_esd                 ? 
_diffrn.crystal_id                       1 
_diffrn.crystal_support                  ? 
_diffrn.crystal_treatment                ? 
_diffrn.details                          ? 
_diffrn.id                               1 
_diffrn.ambient_pressure                 ? 
_diffrn.ambient_pressure_esd             ? 
_diffrn.ambient_pressure_gt              ? 
_diffrn.ambient_pressure_lt              ? 
_diffrn.ambient_temp_gt                  ? 
_diffrn.ambient_temp_lt                  ? 
_diffrn.pdbx_serial_crystal_experiment   N 
# 
_diffrn_detector.details                      ? 
_diffrn_detector.detector                     PIXEL 
_diffrn_detector.diffrn_id                    1 
_diffrn_detector.type                         'RIGAKU HyPix-3000' 
_diffrn_detector.area_resol_mean              ? 
_diffrn_detector.dtime                        ? 
_diffrn_detector.pdbx_frames_total            ? 
_diffrn_detector.pdbx_collection_time_total   ? 
_diffrn_detector.pdbx_collection_date         2024-02-01 
_diffrn_detector.pdbx_frequency               ? 
_diffrn_detector.id                           ? 
_diffrn_detector.number_of_axes               ? 
# 
_diffrn_radiation.collimation                      ? 
_diffrn_radiation.diffrn_id                        1 
_diffrn_radiation.filter_edge                      ? 
_diffrn_radiation.inhomogeneity                    ? 
_diffrn_radiation.monochromator                    ? 
_diffrn_radiation.polarisn_norm                    ? 
_diffrn_radiation.polarisn_ratio                   ? 
_diffrn_radiation.probe                            ? 
_diffrn_radiation.type                             ? 
_diffrn_radiation.xray_symbol                      ? 
_diffrn_radiation.wavelength_id                    1 
_diffrn_radiation.pdbx_monochromatic_or_laue_m_l   M 
_diffrn_radiation.pdbx_wavelength_list             ? 
_diffrn_radiation.pdbx_wavelength                  ? 
_diffrn_radiation.pdbx_diffrn_protocol             'SINGLE WAVELENGTH' 
_diffrn_radiation.pdbx_analyzer                    ? 
_diffrn_radiation.pdbx_scattering_type             x-ray 
# 
_diffrn_radiation_wavelength.id           1 
_diffrn_radiation_wavelength.wavelength   1.54184 
_diffrn_radiation_wavelength.wt           1.0 
# 
_diffrn_source.current                     ? 
_diffrn_source.details                     ? 
_diffrn_source.diffrn_id                   1 
_diffrn_source.power                       ? 
_diffrn_source.size                        ? 
_diffrn_source.source                      'ROTATING ANODE' 
_diffrn_source.target                      ? 
_diffrn_source.type                        RIGAKU 
_diffrn_source.voltage                     ? 
_diffrn_source.take-off_angle              ? 
_diffrn_source.pdbx_wavelength_list        1.54184 
_diffrn_source.pdbx_wavelength             ? 
_diffrn_source.pdbx_synchrotron_beamline   ? 
_diffrn_source.pdbx_synchrotron_site       ? 
# 
_reflns.B_iso_Wilson_estimate                          6.31 
_reflns.entry_id                                       9C01 
_reflns.data_reduction_details                         ? 
_reflns.data_reduction_method                          ? 
_reflns.d_resolution_high                              0.83 
_reflns.d_resolution_low                               13.55 
_reflns.details                                        ? 
_reflns.limit_h_max                                    ? 
_reflns.limit_h_min                                    ? 
_reflns.limit_k_max                                    ? 
_reflns.limit_k_min                                    ? 
_reflns.limit_l_max                                    ? 
_reflns.limit_l_min                                    ? 
_reflns.number_all                                     ? 
_reflns.number_obs                                     9671 
_reflns.observed_criterion                             ? 
_reflns.observed_criterion_F_max                       ? 
_reflns.observed_criterion_F_min                       ? 
_reflns.observed_criterion_I_max                       ? 
_reflns.observed_criterion_I_min                       ? 
_reflns.observed_criterion_sigma_F                     ? 
_reflns.observed_criterion_sigma_I                     ? 
_reflns.percent_possible_obs                           99.91 
_reflns.R_free_details                                 ? 
_reflns.Rmerge_F_all                                   ? 
_reflns.Rmerge_F_obs                                   ? 
_reflns.Friedel_coverage                               ? 
_reflns.number_gt                                      ? 
_reflns.threshold_expression                           ? 
_reflns.pdbx_redundancy                                9.8 
_reflns.pdbx_netI_over_av_sigmaI                       ? 
_reflns.pdbx_netI_over_sigmaI                          40.19 
_reflns.pdbx_res_netI_over_av_sigmaI_2                 ? 
_reflns.pdbx_res_netI_over_sigmaI_2                    ? 
_reflns.pdbx_chi_squared                               ? 
_reflns.pdbx_scaling_rejects                           ? 
_reflns.pdbx_d_res_high_opt                            ? 
_reflns.pdbx_d_res_low_opt                             ? 
_reflns.pdbx_d_res_opt_method                          ? 
_reflns.phase_calculation_details                      ? 
_reflns.pdbx_Rrim_I_all                                ? 
_reflns.pdbx_Rpim_I_all                                ? 
_reflns.pdbx_d_opt                                     ? 
_reflns.pdbx_number_measured_all                       ? 
_reflns.pdbx_diffrn_id                                 1 
_reflns.pdbx_ordinal                                   1 
_reflns.pdbx_CC_half                                   1 
_reflns.pdbx_CC_star                                   ? 
_reflns.pdbx_R_split                                   ? 
_reflns.pdbx_Rmerge_I_obs                              ? 
_reflns.pdbx_Rmerge_I_all                              ? 
_reflns.pdbx_Rsym_value                                ? 
_reflns.pdbx_CC_split_method                           ? 
_reflns.pdbx_aniso_diffraction_limit_axis_1_ortho[1]   ? 
_reflns.pdbx_aniso_diffraction_limit_axis_1_ortho[2]   ? 
_reflns.pdbx_aniso_diffraction_limit_axis_1_ortho[3]   ? 
_reflns.pdbx_aniso_diffraction_limit_axis_2_ortho[1]   ? 
_reflns.pdbx_aniso_diffraction_limit_axis_2_ortho[2]   ? 
_reflns.pdbx_aniso_diffraction_limit_axis_2_ortho[3]   ? 
_reflns.pdbx_aniso_diffraction_limit_axis_3_ortho[1]   ? 
_reflns.pdbx_aniso_diffraction_limit_axis_3_ortho[2]   ? 
_reflns.pdbx_aniso_diffraction_limit_axis_3_ortho[3]   ? 
_reflns.pdbx_aniso_diffraction_limit_1                 ? 
_reflns.pdbx_aniso_diffraction_limit_2                 ? 
_reflns.pdbx_aniso_diffraction_limit_3                 ? 
_reflns.pdbx_aniso_B_tensor_eigenvector_1_ortho[1]     ? 
_reflns.pdbx_aniso_B_tensor_eigenvector_1_ortho[2]     ? 
_reflns.pdbx_aniso_B_tensor_eigenvector_1_ortho[3]     ? 
_reflns.pdbx_aniso_B_tensor_eigenvector_2_ortho[1]     ? 
_reflns.pdbx_aniso_B_tensor_eigenvector_2_ortho[2]     ? 
_reflns.pdbx_aniso_B_tensor_eigenvector_2_ortho[3]     ? 
_reflns.pdbx_aniso_B_tensor_eigenvector_3_ortho[1]     ? 
_reflns.pdbx_aniso_B_tensor_eigenvector_3_ortho[2]     ? 
_reflns.pdbx_aniso_B_tensor_eigenvector_3_ortho[3]     ? 
_reflns.pdbx_aniso_B_tensor_eigenvalue_1               ? 
_reflns.pdbx_aniso_B_tensor_eigenvalue_2               ? 
_reflns.pdbx_aniso_B_tensor_eigenvalue_3               ? 
_reflns.pdbx_orthogonalization_convention              ? 
_reflns.pdbx_percent_possible_ellipsoidal              ? 
_reflns.pdbx_percent_possible_spherical                ? 
_reflns.pdbx_percent_possible_ellipsoidal_anomalous    ? 
_reflns.pdbx_percent_possible_spherical_anomalous      ? 
_reflns.pdbx_redundancy_anomalous                      ? 
_reflns.pdbx_CC_half_anomalous                         ? 
_reflns.pdbx_absDiff_over_sigma_anomalous              ? 
_reflns.pdbx_percent_possible_anomalous                ? 
_reflns.pdbx_observed_signal_threshold                 ? 
_reflns.pdbx_signal_type                               ? 
_reflns.pdbx_signal_details                            ? 
_reflns.pdbx_signal_software_id                        ? 
# 
_reflns_shell.d_res_high                                    0.83 
_reflns_shell.d_res_low                                     0.8597 
_reflns_shell.meanI_over_sigI_all                           ? 
_reflns_shell.meanI_over_sigI_obs                           ? 
_reflns_shell.number_measured_all                           ? 
_reflns_shell.number_measured_obs                           ? 
_reflns_shell.number_possible                               ? 
_reflns_shell.number_unique_all                             ? 
_reflns_shell.number_unique_obs                             946 
_reflns_shell.percent_possible_obs                          ? 
_reflns_shell.Rmerge_F_all                                  ? 
_reflns_shell.Rmerge_F_obs                                  ? 
_reflns_shell.meanI_over_sigI_gt                            ? 
_reflns_shell.meanI_over_uI_all                             ? 
_reflns_shell.meanI_over_uI_gt                              ? 
_reflns_shell.number_measured_gt                            ? 
_reflns_shell.number_unique_gt                              ? 
_reflns_shell.percent_possible_gt                           ? 
_reflns_shell.Rmerge_F_gt                                   ? 
_reflns_shell.Rmerge_I_gt                                   ? 
_reflns_shell.pdbx_redundancy                               ? 
_reflns_shell.pdbx_chi_squared                              ? 
_reflns_shell.pdbx_netI_over_sigmaI_all                     ? 
_reflns_shell.pdbx_netI_over_sigmaI_obs                     ? 
_reflns_shell.pdbx_Rrim_I_all                               ? 
_reflns_shell.pdbx_Rpim_I_all                               ? 
_reflns_shell.pdbx_rejects                                  ? 
_reflns_shell.pdbx_ordinal                                  1 
_reflns_shell.pdbx_diffrn_id                                1 
_reflns_shell.pdbx_CC_half                                  0.984 
_reflns_shell.pdbx_CC_star                                  ? 
_reflns_shell.pdbx_R_split                                  ? 
_reflns_shell.percent_possible_all                          ? 
_reflns_shell.Rmerge_I_all                                  ? 
_reflns_shell.Rmerge_I_obs                                  ? 
_reflns_shell.pdbx_Rsym_value                               ? 
_reflns_shell.pdbx_percent_possible_ellipsoidal             ? 
_reflns_shell.pdbx_percent_possible_spherical               ? 
_reflns_shell.pdbx_percent_possible_ellipsoidal_anomalous   ? 
_reflns_shell.pdbx_percent_possible_spherical_anomalous     ? 
_reflns_shell.pdbx_redundancy_anomalous                     ? 
_reflns_shell.pdbx_CC_half_anomalous                        ? 
_reflns_shell.pdbx_absDiff_over_sigma_anomalous             ? 
_reflns_shell.pdbx_percent_possible_anomalous               ? 
# 
_refine.aniso_B[1][1]                            ? 
_refine.aniso_B[1][2]                            ? 
_refine.aniso_B[1][3]                            ? 
_refine.aniso_B[2][2]                            ? 
_refine.aniso_B[2][3]                            ? 
_refine.aniso_B[3][3]                            ? 
_refine.B_iso_max                                ? 
_refine.B_iso_mean                               9.36 
_refine.B_iso_min                                ? 
_refine.correlation_coeff_Fo_to_Fc               ? 
_refine.correlation_coeff_Fo_to_Fc_free          ? 
_refine.details                                  ? 
_refine.diff_density_max                         ? 
_refine.diff_density_max_esd                     ? 
_refine.diff_density_min                         ? 
_refine.diff_density_min_esd                     ? 
_refine.diff_density_rms                         ? 
_refine.diff_density_rms_esd                     ? 
_refine.entry_id                                 9C01 
_refine.pdbx_refine_id                           'X-RAY DIFFRACTION' 
_refine.ls_abs_structure_details                 ? 
_refine.ls_abs_structure_Flack                   ? 
_refine.ls_abs_structure_Flack_esd               ? 
_refine.ls_abs_structure_Rogers                  ? 
_refine.ls_abs_structure_Rogers_esd              ? 
_refine.ls_d_res_high                            0.83 
_refine.ls_d_res_low                             13.55 
_refine.ls_extinction_coef                       ? 
_refine.ls_extinction_coef_esd                   ? 
_refine.ls_extinction_expression                 ? 
_refine.ls_extinction_method                     ? 
_refine.ls_goodness_of_fit_all                   ? 
_refine.ls_goodness_of_fit_all_esd               ? 
_refine.ls_goodness_of_fit_obs                   ? 
_refine.ls_goodness_of_fit_obs_esd               ? 
_refine.ls_hydrogen_treatment                    ? 
_refine.ls_matrix_type                           ? 
_refine.ls_number_constraints                    ? 
_refine.ls_number_parameters                     ? 
_refine.ls_number_reflns_all                     ? 
_refine.ls_number_reflns_obs                     9665 
_refine.ls_number_reflns_R_free                  967 
_refine.ls_number_reflns_R_work                  8698 
_refine.ls_number_restraints                     ? 
_refine.ls_percent_reflns_obs                    99.93 
_refine.ls_percent_reflns_R_free                 10.01 
_refine.ls_R_factor_all                          ? 
_refine.ls_R_factor_obs                          ? 
_refine.ls_R_factor_R_free                       0.1162 
_refine.ls_R_factor_R_free_error                 ? 
_refine.ls_R_factor_R_free_error_details         ? 
_refine.ls_R_factor_R_work                       0.0861 
_refine.ls_R_Fsqd_factor_obs                     ? 
_refine.ls_R_I_factor_obs                        ? 
_refine.ls_redundancy_reflns_all                 ? 
_refine.ls_redundancy_reflns_obs                 ? 
_refine.ls_restrained_S_all                      ? 
_refine.ls_restrained_S_obs                      ? 
_refine.ls_shift_over_esd_max                    ? 
_refine.ls_shift_over_esd_mean                   ? 
_refine.ls_structure_factor_coef                 ? 
_refine.ls_weighting_details                     ? 
_refine.ls_weighting_scheme                      ? 
_refine.ls_wR_factor_all                         ? 
_refine.ls_wR_factor_obs                         ? 
_refine.ls_wR_factor_R_free                      ? 
_refine.ls_wR_factor_R_work                      ? 
_refine.occupancy_max                            ? 
_refine.occupancy_min                            ? 
_refine.solvent_model_details                    'FLAT BULK SOLVENT MODEL' 
_refine.solvent_model_param_bsol                 ? 
_refine.solvent_model_param_ksol                 ? 
_refine.pdbx_R_complete                          ? 
_refine.ls_R_factor_gt                           ? 
_refine.ls_goodness_of_fit_gt                    ? 
_refine.ls_goodness_of_fit_ref                   ? 
_refine.ls_shift_over_su_max                     ? 
_refine.ls_shift_over_su_max_lt                  ? 
_refine.ls_shift_over_su_mean                    ? 
_refine.ls_shift_over_su_mean_lt                 ? 
_refine.pdbx_ls_sigma_I                          ? 
_refine.pdbx_ls_sigma_F                          1.38 
_refine.pdbx_ls_sigma_Fsqd                       ? 
_refine.pdbx_data_cutoff_high_absF               ? 
_refine.pdbx_data_cutoff_high_rms_absF           ? 
_refine.pdbx_data_cutoff_low_absF                ? 
_refine.pdbx_isotropic_thermal_model             ? 
_refine.pdbx_ls_cross_valid_method               'FREE R-VALUE' 
_refine.pdbx_method_to_determine_struct          'MOLECULAR REPLACEMENT' 
_refine.pdbx_starting_model                      ? 
_refine.pdbx_stereochemistry_target_values       'GeoStd + Monomer Library + CDL v1.2' 
_refine.pdbx_R_Free_selection_details            ? 
_refine.pdbx_stereochem_target_val_spec_case     ? 
_refine.pdbx_overall_ESU_R                       ? 
_refine.pdbx_overall_ESU_R_Free                  ? 
_refine.pdbx_solvent_vdw_probe_radii             1.1000 
_refine.pdbx_solvent_ion_probe_radii             ? 
_refine.pdbx_solvent_shrinkage_radii             0.9000 
_refine.pdbx_real_space_R                        ? 
_refine.pdbx_density_correlation                 ? 
_refine.pdbx_pd_number_of_powder_patterns        ? 
_refine.pdbx_pd_number_of_points                 ? 
_refine.pdbx_pd_meas_number_of_points            ? 
_refine.pdbx_pd_proc_ls_prof_R_factor            ? 
_refine.pdbx_pd_proc_ls_prof_wR_factor           ? 
_refine.pdbx_pd_Marquardt_correlation_coeff      ? 
_refine.pdbx_pd_Fsqrd_R_factor                   ? 
_refine.pdbx_pd_ls_matrix_band_width             ? 
_refine.pdbx_overall_phase_error                 10.2304 
_refine.pdbx_overall_SU_R_free_Cruickshank_DPI   ? 
_refine.pdbx_overall_SU_R_free_Blow_DPI          ? 
_refine.pdbx_overall_SU_R_Blow_DPI               ? 
_refine.pdbx_TLS_residual_ADP_flag               ? 
_refine.pdbx_diffrn_id                           1 
_refine.overall_SU_B                             ? 
_refine.overall_SU_ML                            0.0339 
_refine.overall_SU_R_Cruickshank_DPI             ? 
_refine.overall_SU_R_free                        ? 
_refine.overall_FOM_free_R_set                   ? 
_refine.overall_FOM_work_R_set                   ? 
_refine.pdbx_average_fsc_overall                 ? 
_refine.pdbx_average_fsc_work                    ? 
_refine.pdbx_average_fsc_free                    ? 
# 
_refine_hist.pdbx_refine_id                   'X-RAY DIFFRACTION' 
_refine_hist.cycle_id                         LAST 
_refine_hist.details                          ? 
_refine_hist.d_res_high                       0.83 
_refine_hist.d_res_low                        13.55 
_refine_hist.number_atoms_solvent             21 
_refine_hist.number_atoms_total               128 
_refine_hist.number_reflns_all                ? 
_refine_hist.number_reflns_obs                ? 
_refine_hist.number_reflns_R_free             ? 
_refine_hist.number_reflns_R_work             ? 
_refine_hist.R_factor_all                     ? 
_refine_hist.R_factor_obs                     ? 
_refine_hist.R_factor_R_free                  ? 
_refine_hist.R_factor_R_work                  ? 
_refine_hist.pdbx_number_residues_total       ? 
_refine_hist.pdbx_B_iso_mean_ligand           ? 
_refine_hist.pdbx_B_iso_mean_solvent          ? 
_refine_hist.pdbx_number_atoms_protein        62 
_refine_hist.pdbx_number_atoms_nucleic_acid   0 
_refine_hist.pdbx_number_atoms_ligand         45 
_refine_hist.pdbx_number_atoms_lipid          ? 
_refine_hist.pdbx_number_atoms_carb           ? 
_refine_hist.pdbx_pseudo_atom_details         ? 
# 
loop_
_refine_ls_restr.pdbx_refine_id 
_refine_ls_restr.criterion 
_refine_ls_restr.dev_ideal 
_refine_ls_restr.dev_ideal_target 
_refine_ls_restr.number 
_refine_ls_restr.rejects 
_refine_ls_restr.type 
_refine_ls_restr.weight 
_refine_ls_restr.pdbx_restraint_function 
'X-RAY DIFFRACTION' ? 0.0153  ? 218 ? f_bond_d           ? ? 
'X-RAY DIFFRACTION' ? 2.2859  ? 301 ? f_angle_d          ? ? 
'X-RAY DIFFRACTION' ? 0.0366  ? 13  ? f_chiral_restr     ? ? 
'X-RAY DIFFRACTION' ? 0.0098  ? 35  ? f_plane_restr      ? ? 
'X-RAY DIFFRACTION' ? 44.2185 ? 39  ? f_dihedral_angle_d ? ? 
# 
loop_
_refine_ls_shell.pdbx_refine_id 
_refine_ls_shell.d_res_high 
_refine_ls_shell.d_res_low 
_refine_ls_shell.number_reflns_all 
_refine_ls_shell.number_reflns_obs 
_refine_ls_shell.number_reflns_R_free 
_refine_ls_shell.number_reflns_R_work 
_refine_ls_shell.percent_reflns_obs 
_refine_ls_shell.percent_reflns_R_free 
_refine_ls_shell.R_factor_all 
_refine_ls_shell.R_factor_obs 
_refine_ls_shell.R_factor_R_free_error 
_refine_ls_shell.R_factor_R_work 
_refine_ls_shell.redundancy_reflns_all 
_refine_ls_shell.redundancy_reflns_obs 
_refine_ls_shell.wR_factor_all 
_refine_ls_shell.wR_factor_obs 
_refine_ls_shell.wR_factor_R_free 
_refine_ls_shell.wR_factor_R_work 
_refine_ls_shell.pdbx_R_complete 
_refine_ls_shell.pdbx_total_number_of_bins_used 
_refine_ls_shell.pdbx_phase_error 
_refine_ls_shell.pdbx_fsc_work 
_refine_ls_shell.pdbx_fsc_free 
_refine_ls_shell.R_factor_R_free 
'X-RAY DIFFRACTION' 0.83 0.87  . . 137 1231 100.00 . . . . 0.1066 . . . . . . . . . . . 0.1305 
'X-RAY DIFFRACTION' 0.87 0.93  . . 135 1220 100.00 . . . . 0.0923 . . . . . . . . . . . 0.1145 
'X-RAY DIFFRACTION' 0.93 1.00  . . 137 1229 100.00 . . . . 0.0759 . . . . . . . . . . . 0.1063 
'X-RAY DIFFRACTION' 1.00 1.10  . . 138 1234 100.00 . . . . 0.0674 . . . . . . . . . . . 0.0862 
'X-RAY DIFFRACTION' 1.10 1.26  . . 137 1249 99.93  . . . . 0.0678 . . . . . . . . . . . 0.0845 
'X-RAY DIFFRACTION' 1.26 1.59  . . 139 1243 100.00 . . . . 0.0928 . . . . . . . . . . . 0.1157 
'X-RAY DIFFRACTION' 1.59 13.55 . . 144 1292 99.58  . . . . 0.0929 . . . . . . . . . . . 0.1311 
# 
_struct.entry_id                     9C01 
_struct.title                        'UIC-1 bound to phenol' 
_struct.pdbx_model_details           ? 
_struct.pdbx_formula_weight          ? 
_struct.pdbx_formula_weight_method   ? 
_struct.pdbx_model_type_details      ? 
_struct.pdbx_CASP_flag               N 
# 
_struct_keywords.entry_id        9C01 
_struct_keywords.text            'synthetic construct, DE NOVO PROTEIN' 
_struct_keywords.pdbx_keywords   'DE NOVO PROTEIN' 
# 
loop_
_struct_asym.id 
_struct_asym.pdbx_blank_PDB_chainid_flag 
_struct_asym.pdbx_modified 
_struct_asym.entity_id 
_struct_asym.details 
A N N 1 ? 
B N N 2 ? 
C N N 3 ? 
D N N 4 ? 
E N N 5 ? 
# 
_struct_ref.id                         1 
_struct_ref.db_name                    PDB 
_struct_ref.db_code                    9C01 
_struct_ref.pdbx_db_accession          9C01 
_struct_ref.pdbx_db_isoform            ? 
_struct_ref.entity_id                  1 
_struct_ref.pdbx_seq_one_letter_code   ? 
_struct_ref.pdbx_align_begin           1 
# 
_struct_ref_seq.align_id                      1 
_struct_ref_seq.ref_id                        1 
_struct_ref_seq.pdbx_PDB_id_code              9C01 
_struct_ref_seq.pdbx_strand_id                A 
_struct_ref_seq.seq_align_beg                 1 
_struct_ref_seq.pdbx_seq_align_beg_ins_code   ? 
_struct_ref_seq.seq_align_end                 9 
_struct_ref_seq.pdbx_seq_align_end_ins_code   ? 
_struct_ref_seq.pdbx_db_accession             9C01 
_struct_ref_seq.db_align_beg                  2 
_struct_ref_seq.pdbx_db_align_beg_ins_code    ? 
_struct_ref_seq.db_align_end                  10 
_struct_ref_seq.pdbx_db_align_end_ins_code    ? 
_struct_ref_seq.pdbx_auth_seq_align_beg       2 
_struct_ref_seq.pdbx_auth_seq_align_end       10 
# 
_pdbx_struct_assembly.id                   1 
_pdbx_struct_assembly.details              author_and_software_defined_assembly 
_pdbx_struct_assembly.method_details       PISA 
_pdbx_struct_assembly.oligomeric_details   monomeric 
_pdbx_struct_assembly.oligomeric_count     1 
# 
_pdbx_struct_assembly_gen.assembly_id       1 
_pdbx_struct_assembly_gen.oper_expression   1 
_pdbx_struct_assembly_gen.asym_id_list      A,B,C,D,E 
# 
_pdbx_struct_oper_list.id                   1 
_pdbx_struct_oper_list.type                 'identity operation' 
_pdbx_struct_oper_list.name                 1_555 
_pdbx_struct_oper_list.symmetry_operation   x,y,z 
_pdbx_struct_oper_list.matrix[1][1]         1.0000000000 
_pdbx_struct_oper_list.matrix[1][2]         0.0000000000 
_pdbx_struct_oper_list.matrix[1][3]         0.0000000000 
_pdbx_struct_oper_list.vector[1]            0.0000000000 
_pdbx_struct_oper_list.matrix[2][1]         0.0000000000 
_pdbx_struct_oper_list.matrix[2][2]         1.0000000000 
_pdbx_struct_oper_list.matrix[2][3]         0.0000000000 
_pdbx_struct_oper_list.vector[2]            0.0000000000 
_pdbx_struct_oper_list.matrix[3][1]         0.0000000000 
_pdbx_struct_oper_list.matrix[3][2]         0.0000000000 
_pdbx_struct_oper_list.matrix[3][3]         1.0000000000 
_pdbx_struct_oper_list.vector[3]            0.0000000000 
# 
_struct_conf.conf_type_id            HELX_P 
_struct_conf.id                      HELX_P1 
_struct_conf.pdbx_PDB_helix_id       AA1 
_struct_conf.beg_label_comp_id       LEU 
_struct_conf.beg_label_asym_id       A 
_struct_conf.beg_label_seq_id        1 
_struct_conf.pdbx_beg_PDB_ins_code   ? 
_struct_conf.end_label_comp_id       GLN 
_struct_conf.end_label_asym_id       A 
_struct_conf.end_label_seq_id        7 
_struct_conf.pdbx_end_PDB_ins_code   ? 
_struct_conf.beg_auth_comp_id        LEU 
_struct_conf.beg_auth_asym_id        A 
_struct_conf.beg_auth_seq_id         2 
_struct_conf.end_auth_comp_id        GLN 
_struct_conf.end_auth_asym_id        A 
_struct_conf.end_auth_seq_id         8 
_struct_conf.pdbx_PDB_helix_class    1 
_struct_conf.details                 ? 
_struct_conf.pdbx_PDB_helix_length   7 
# 
_struct_conf_type.id          HELX_P 
_struct_conf_type.criteria    ? 
_struct_conf_type.reference   ? 
# 
loop_
_struct_conn.id 
_struct_conn.conn_type_id 
_struct_conn.pdbx_leaving_atom_flag 
_struct_conn.pdbx_PDB_id 
_struct_conn.ptnr1_label_asym_id 
_struct_conn.ptnr1_label_comp_id 
_struct_conn.ptnr1_label_seq_id 
_struct_conn.ptnr1_label_atom_id 
_struct_conn.pdbx_ptnr1_label_alt_id 
_struct_conn.pdbx_ptnr1_PDB_ins_code 
_struct_conn.pdbx_ptnr1_standard_comp_id 
_struct_conn.ptnr1_symmetry 
_struct_conn.ptnr2_label_asym_id 
_struct_conn.ptnr2_label_comp_id 
_struct_conn.ptnr2_label_seq_id 
_struct_conn.ptnr2_label_atom_id 
_struct_conn.pdbx_ptnr2_label_alt_id 
_struct_conn.pdbx_ptnr2_PDB_ins_code 
_struct_conn.ptnr1_auth_asym_id 
_struct_conn.ptnr1_auth_comp_id 
_struct_conn.ptnr1_auth_seq_id 
_struct_conn.ptnr2_auth_asym_id 
_struct_conn.ptnr2_auth_comp_id 
_struct_conn.ptnr2_auth_seq_id 
_struct_conn.ptnr2_symmetry 
_struct_conn.pdbx_ptnr3_label_atom_id 
_struct_conn.pdbx_ptnr3_label_seq_id 
_struct_conn.pdbx_ptnr3_label_comp_id 
_struct_conn.pdbx_ptnr3_label_asym_id 
_struct_conn.pdbx_ptnr3_label_alt_id 
_struct_conn.pdbx_ptnr3_PDB_ins_code 
_struct_conn.details 
_struct_conn.pdbx_dist_value 
_struct_conn.pdbx_value_order 
_struct_conn.pdbx_role 
covale1  covale both ? A LEU 1 C A ? ? 1_555 A AIB 2 N   A ? A LEU 2  A AIB 3   1_555 ? ? ? ? ? ? ? 1.337 ? ? 
covale2  covale both ? A LEU 1 C B ? ? 1_555 A AIB 2 N   B ? A LEU 2  A AIB 3   1_555 ? ? ? ? ? ? ? 1.333 ? ? 
covale3  covale both ? A LEU 1 N A ? ? 1_555 C I6W . C02 A ? A LEU 2  A I6W 102 1_555 ? ? ? ? ? ? ? 1.427 ? ? 
covale4  covale both ? A LEU 1 N B ? ? 1_555 C I6W . C02 B ? A LEU 2  A I6W 102 1_555 ? ? ? ? ? ? ? 1.429 ? ? 
covale5  covale both ? A AIB 2 C A ? ? 1_555 A ALA 3 N   ? ? A AIB 3  A ALA 4   1_555 ? ? ? ? ? ? ? 1.337 ? ? 
covale6  covale both ? A AIB 2 C B ? ? 1_555 A ALA 3 N   ? ? A AIB 3  A ALA 4   1_555 ? ? ? ? ? ? ? 1.329 ? ? 
covale7  covale both ? A ALA 3 C ? ? ? 1_555 A AIB 4 N   ? ? A ALA 4  A AIB 5   1_555 ? ? ? ? ? ? ? 1.331 ? ? 
covale8  covale both ? A AIB 4 C ? ? ? 1_555 A LEU 5 N   ? ? A AIB 5  A LEU 6   1_555 ? ? ? ? ? ? ? 1.337 ? ? 
covale9  covale both ? A LEU 5 C ? ? ? 1_555 A AIB 6 N   A ? A LEU 6  A AIB 7   1_555 ? ? ? ? ? ? ? 1.338 ? ? 
covale10 covale both ? A LEU 5 C ? ? ? 1_555 A AIB 6 N   B ? A LEU 6  A AIB 7   1_555 ? ? ? ? ? ? ? 1.332 ? ? 
covale11 covale both ? A AIB 6 C A ? ? 1_555 A GLN 7 N   A ? A AIB 7  A GLN 8   1_555 ? ? ? ? ? ? ? 1.332 ? ? 
covale12 covale both ? A AIB 6 C B ? ? 1_555 A GLN 7 N   B ? A AIB 7  A GLN 8   1_555 ? ? ? ? ? ? ? 1.333 ? ? 
covale13 covale both ? A GLN 7 C A ? ? 1_555 A AIB 8 N   A ? A GLN 8  A AIB 9   1_555 ? ? ? ? ? ? ? 1.337 ? ? 
covale14 covale both ? A GLN 7 C B ? ? 1_555 A AIB 8 N   B ? A GLN 8  A AIB 9   1_555 ? ? ? ? ? ? ? 1.337 ? ? 
covale15 covale both ? A AIB 8 C A ? ? 1_555 A LEU 9 N   A ? A AIB 9  A LEU 10  1_555 ? ? ? ? ? ? ? 1.340 ? ? 
covale16 covale both ? A AIB 8 C B ? ? 1_555 A LEU 9 N   B ? A AIB 9  A LEU 10  1_555 ? ? ? ? ? ? ? 1.349 ? ? 
covale17 covale both ? A LEU 9 C A ? ? 1_555 B I77 . N15 A ? A LEU 10 A I77 101 1_555 ? ? ? ? ? ? ? 1.404 ? ? 
covale18 covale both ? A LEU 9 C B ? ? 1_555 B I77 . N15 B ? A LEU 10 A I77 101 1_555 ? ? ? ? ? ? ? 1.398 ? ? 
# 
_struct_conn_type.id          covale 
_struct_conn_type.criteria    ? 
_struct_conn_type.reference   ? 
# 
loop_
_pdbx_modification_feature.ordinal 
_pdbx_modification_feature.label_comp_id 
_pdbx_modification_feature.label_asym_id 
_pdbx_modification_feature.label_seq_id 
_pdbx_modification_feature.label_alt_id 
_pdbx_modification_feature.modified_residue_label_comp_id 
_pdbx_modification_feature.modified_residue_label_asym_id 
_pdbx_modification_feature.modified_residue_label_seq_id 
_pdbx_modification_feature.modified_residue_label_alt_id 
_pdbx_modification_feature.auth_comp_id 
_pdbx_modification_feature.auth_asym_id 
_pdbx_modification_feature.auth_seq_id 
_pdbx_modification_feature.PDB_ins_code 
_pdbx_modification_feature.symmetry 
_pdbx_modification_feature.modified_residue_auth_comp_id 
_pdbx_modification_feature.modified_residue_auth_asym_id 
_pdbx_modification_feature.modified_residue_auth_seq_id 
_pdbx_modification_feature.modified_residue_PDB_ins_code 
_pdbx_modification_feature.modified_residue_symmetry 
_pdbx_modification_feature.comp_id_linking_atom 
_pdbx_modification_feature.modified_residue_id_linking_atom 
_pdbx_modification_feature.modified_residue_id 
_pdbx_modification_feature.ref_pcm_id 
_pdbx_modification_feature.ref_comp_id 
_pdbx_modification_feature.type 
_pdbx_modification_feature.category 
1  AIB A 2 A .   . . . AIB A 3   ? 1_555 .   . .  . .     .   . ALA 1 AIB Methylation 'Named protein modification'     
2  AIB A 2 B .   . . . AIB A 3   ? 1_555 .   . .  . .     .   . ALA 1 AIB Methylation 'Named protein modification'     
3  AIB A 4 ? .   . . . AIB A 5   ? 1_555 .   . .  . .     .   . ALA 1 AIB Methylation 'Named protein modification'     
4  AIB A 6 A .   . . . AIB A 7   ? 1_555 .   . .  . .     .   . ALA 1 AIB Methylation 'Named protein modification'     
5  AIB A 6 B .   . . . AIB A 7   ? 1_555 .   . .  . .     .   . ALA 1 AIB Methylation 'Named protein modification'     
6  AIB A 8 A .   . . . AIB A 9   ? 1_555 .   . .  . .     .   . ALA 1 AIB Methylation 'Named protein modification'     
7  AIB A 8 B .   . . . AIB A 9   ? 1_555 .   . .  . .     .   . ALA 1 AIB Methylation 'Named protein modification'     
8  I77 B . A LEU A 9 A I77 A 101 ? 1_555 LEU A 10 ? 1_555 N15 C LEU 1 I77 None        'Covalent chemical modification' 
9  I77 B . B LEU A 9 B I77 A 101 ? 1_555 LEU A 10 ? 1_555 N15 C LEU 1 I77 None        'Covalent chemical modification' 
10 I6W C . A LEU A 1 A I6W A 102 ? 1_555 LEU A 2  ? 1_555 C02 N LEU 1 I6W None        'Covalent chemical modification' 
11 I6W C . B LEU A 1 B I6W A 102 ? 1_555 LEU A 2  ? 1_555 C02 N LEU 1 I6W None        'Covalent chemical modification' 
# 
_pdbx_entry_details.entry_id                   9C01 
_pdbx_entry_details.nonpolymer_details         ? 
_pdbx_entry_details.sequence_details           ? 
_pdbx_entry_details.compound_details           ? 
_pdbx_entry_details.source_details             ? 
_pdbx_entry_details.has_ligand_of_interest     Y 
_pdbx_entry_details.has_protein_modification   Y 
# 
loop_
_space_group_symop.id 
_space_group_symop.operation_xyz 
1 x,y,z       
2 -x,y+1/2,-z 
# 
loop_
_pdbx_distant_solvent_atoms.id 
_pdbx_distant_solvent_atoms.PDB_model_num 
_pdbx_distant_solvent_atoms.auth_atom_id 
_pdbx_distant_solvent_atoms.label_alt_id 
_pdbx_distant_solvent_atoms.auth_asym_id 
_pdbx_distant_solvent_atoms.auth_comp_id 
_pdbx_distant_solvent_atoms.auth_seq_id 
_pdbx_distant_solvent_atoms.PDB_ins_code 
_pdbx_distant_solvent_atoms.neighbor_macromolecule_distance 
_pdbx_distant_solvent_atoms.neighbor_ligand_distance 
1 1 O A A HOH 219 ? 6.34 .    
2 1 O A A HOH 220 ? .    6.49 
3 1 O ? A HOH 221 ? .    6.70 
# 
loop_
_chem_comp_atom.comp_id 
_chem_comp_atom.atom_id 
_chem_comp_atom.type_symbol 
_chem_comp_atom.pdbx_aromatic_flag 
_chem_comp_atom.pdbx_stereo_config 
_chem_comp_atom.pdbx_ordinal 
AIB N    N N N 1   
AIB CA   C N N 2   
AIB C    C N N 3   
AIB O    O N N 4   
AIB OXT  O N N 5   
AIB CB1  C N N 6   
AIB CB2  C N N 7   
AIB H    H N N 8   
AIB H2   H N N 9   
AIB HXT  H N N 10  
AIB HB11 H N N 11  
AIB HB12 H N N 12  
AIB HB13 H N N 13  
AIB HB21 H N N 14  
AIB HB22 H N N 15  
AIB HB23 H N N 16  
ALA N    N N N 17  
ALA CA   C N S 18  
ALA C    C N N 19  
ALA O    O N N 20  
ALA CB   C N N 21  
ALA OXT  O N N 22  
ALA H    H N N 23  
ALA H2   H N N 24  
ALA HA   H N N 25  
ALA HB1  H N N 26  
ALA HB2  H N N 27  
ALA HB3  H N N 28  
ALA HXT  H N N 29  
GLN N    N N N 30  
GLN CA   C N S 31  
GLN C    C N N 32  
GLN O    O N N 33  
GLN CB   C N N 34  
GLN CG   C N N 35  
GLN CD   C N N 36  
GLN OE1  O N N 37  
GLN NE2  N N N 38  
GLN OXT  O N N 39  
GLN H    H N N 40  
GLN H2   H N N 41  
GLN HA   H N N 42  
GLN HB2  H N N 43  
GLN HB3  H N N 44  
GLN HG2  H N N 45  
GLN HG3  H N N 46  
GLN HE21 H N N 47  
GLN HE22 H N N 48  
GLN HXT  H N N 49  
HOH O    O N N 50  
HOH H1   H N N 51  
HOH H2   H N N 52  
I6W C05  C Y N 53  
I6W C08  C Y N 54  
I6W C09  C Y N 55  
I6W N10  N Y N 56  
I6W C02  C N N 57  
I6W C03  C Y N 58  
I6W C04  C Y N 59  
I6W C06  C Y N 60  
I6W C11  C Y N 61  
I6W C12  C Y N 62  
I6W C13  C N N 63  
I6W C15  C N N 64  
I6W C16  C N N 65  
I6W C18  C Y N 66  
I6W C19  C Y N 67  
I6W N07  N Y N 68  
I6W O01  O N N 69  
I6W O14  O N N 70  
I6W O17  O N N 71  
I6W H051 H N N 72  
I6W H041 H N N 73  
I6W H061 H N N 74  
I6W H111 H N N 75  
I6W H152 H N N 76  
I6W H151 H N N 77  
I6W H162 H N N 78  
I6W H163 H N N 79  
I6W H161 H N N 80  
I6W H181 H N N 81  
I6W H191 H N N 82  
I6W OXT  O N N 83  
I6W HXT  H N N 84  
I77 C11  C Y N 85  
I77 C12  C Y N 86  
I77 C13  C N N 87  
I77 C17  C Y N 88  
I77 C18  C Y N 89  
I77 C02  C N N 90  
I77 C03  C Y N 91  
I77 C04  C Y N 92  
I77 C05  C Y N 93  
I77 C06  C Y N 94  
I77 C08  C Y N 95  
I77 C09  C Y N 96  
I77 N01  N N N 97  
I77 N07  N Y N 98  
I77 N10  N Y N 99  
I77 N14  N N N 100 
I77 N15  N N N 101 
I77 O16  O N N 102 
I77 O19  O N N 103 
I77 H111 H N N 104 
I77 H171 H N N 105 
I77 H181 H N N 106 
I77 H041 H N N 107 
I77 H051 H N N 108 
I77 H061 H N N 109 
I77 H011 H N N 110 
I77 H012 H N N 111 
I77 H141 H N N 112 
I77 H1   H N N 113 
I77 H2   H N N 114 
IPH C1   C Y N 115 
IPH C2   C Y N 116 
IPH C3   C Y N 117 
IPH C4   C Y N 118 
IPH C5   C Y N 119 
IPH C6   C Y N 120 
IPH O1   O N N 121 
IPH H2   H N N 122 
IPH H3   H N N 123 
IPH H4   H N N 124 
IPH H5   H N N 125 
IPH H6   H N N 126 
IPH HO1  H N N 127 
LEU N    N N N 128 
LEU CA   C N S 129 
LEU C    C N N 130 
LEU O    O N N 131 
LEU CB   C N N 132 
LEU CG   C N N 133 
LEU CD1  C N N 134 
LEU CD2  C N N 135 
LEU OXT  O N N 136 
LEU H    H N N 137 
LEU H2   H N N 138 
LEU HA   H N N 139 
LEU HB2  H N N 140 
LEU HB3  H N N 141 
LEU HG   H N N 142 
LEU HD11 H N N 143 
LEU HD12 H N N 144 
LEU HD13 H N N 145 
LEU HD21 H N N 146 
LEU HD22 H N N 147 
LEU HD23 H N N 148 
LEU HXT  H N N 149 
# 
loop_
_chem_comp_bond.comp_id 
_chem_comp_bond.atom_id_1 
_chem_comp_bond.atom_id_2 
_chem_comp_bond.value_order 
_chem_comp_bond.pdbx_aromatic_flag 
_chem_comp_bond.pdbx_stereo_config 
_chem_comp_bond.pdbx_ordinal 
AIB N   CA   sing N N 1   
AIB N   H    sing N N 2   
AIB N   H2   sing N N 3   
AIB CA  C    sing N N 4   
AIB CA  CB1  sing N N 5   
AIB CA  CB2  sing N N 6   
AIB C   O    doub N N 7   
AIB C   OXT  sing N N 8   
AIB OXT HXT  sing N N 9   
AIB CB1 HB11 sing N N 10  
AIB CB1 HB12 sing N N 11  
AIB CB1 HB13 sing N N 12  
AIB CB2 HB21 sing N N 13  
AIB CB2 HB22 sing N N 14  
AIB CB2 HB23 sing N N 15  
ALA N   CA   sing N N 16  
ALA N   H    sing N N 17  
ALA N   H2   sing N N 18  
ALA CA  C    sing N N 19  
ALA CA  CB   sing N N 20  
ALA CA  HA   sing N N 21  
ALA C   O    doub N N 22  
ALA C   OXT  sing N N 23  
ALA CB  HB1  sing N N 24  
ALA CB  HB2  sing N N 25  
ALA CB  HB3  sing N N 26  
ALA OXT HXT  sing N N 27  
GLN N   CA   sing N N 28  
GLN N   H    sing N N 29  
GLN N   H2   sing N N 30  
GLN CA  C    sing N N 31  
GLN CA  CB   sing N N 32  
GLN CA  HA   sing N N 33  
GLN C   O    doub N N 34  
GLN C   OXT  sing N N 35  
GLN CB  CG   sing N N 36  
GLN CB  HB2  sing N N 37  
GLN CB  HB3  sing N N 38  
GLN CG  CD   sing N N 39  
GLN CG  HG2  sing N N 40  
GLN CG  HG3  sing N N 41  
GLN CD  OE1  doub N N 42  
GLN CD  NE2  sing N N 43  
GLN NE2 HE21 sing N N 44  
GLN NE2 HE22 sing N N 45  
GLN OXT HXT  sing N N 46  
HOH O   H1   sing N N 47  
HOH O   H2   sing N N 48  
I6W O01 C02  doub N N 49  
I6W C02 C03  sing N N 50  
I6W C03 C06  doub Y N 51  
I6W C03 C04  sing Y N 52  
I6W C06 N07  sing Y N 53  
I6W C04 C05  doub Y N 54  
I6W N07 C08  doub Y N 55  
I6W C05 C08  sing Y N 56  
I6W C08 C09  sing N N 57  
I6W C09 C19  doub Y N 58  
I6W C09 N10  sing Y N 59  
I6W C19 C18  sing Y N 60  
I6W N10 C11  doub Y N 61  
I6W C18 C12  doub Y N 62  
I6W C11 C12  sing Y N 63  
I6W C12 C13  sing N N 64  
I6W C13 O17  doub N N 65  
I6W C13 O14  sing N N 66  
I6W O14 C15  sing N N 67  
I6W C15 C16  sing N N 68  
I6W C05 H051 sing N N 69  
I6W C04 H041 sing N N 70  
I6W C06 H061 sing N N 71  
I6W C11 H111 sing N N 72  
I6W C15 H152 sing N N 73  
I6W C15 H151 sing N N 74  
I6W C16 H162 sing N N 75  
I6W C16 H163 sing N N 76  
I6W C16 H161 sing N N 77  
I6W C18 H181 sing N N 78  
I6W C19 H191 sing N N 79  
I6W C02 OXT  sing N N 80  
I6W OXT HXT  sing N N 81  
I77 N15 N14  sing N N 82  
I77 O16 C13  doub N N 83  
I77 N14 C13  sing N N 84  
I77 C13 C12  sing N N 85  
I77 C12 C17  doub Y N 86  
I77 C12 C11  sing Y N 87  
I77 C17 C18  sing Y N 88  
I77 C11 N10  doub Y N 89  
I77 C18 C09  doub Y N 90  
I77 N10 C09  sing Y N 91  
I77 C09 C08  sing N N 92  
I77 C08 N07  doub Y N 93  
I77 C08 C05  sing Y N 94  
I77 N07 C06  sing Y N 95  
I77 C05 C04  doub Y N 96  
I77 C06 C03  doub Y N 97  
I77 C04 C03  sing Y N 98  
I77 C03 C02  sing N N 99  
I77 C02 N01  sing N N 100 
I77 C02 O19  doub N N 101 
I77 C11 H111 sing N N 102 
I77 C17 H171 sing N N 103 
I77 C18 H181 sing N N 104 
I77 C04 H041 sing N N 105 
I77 C05 H051 sing N N 106 
I77 C06 H061 sing N N 107 
I77 N01 H011 sing N N 108 
I77 N01 H012 sing N N 109 
I77 N14 H141 sing N N 110 
I77 N15 H1   sing N N 111 
I77 N15 H2   sing N N 112 
IPH C1  C2   doub Y N 113 
IPH C1  C6   sing Y N 114 
IPH C1  O1   sing N N 115 
IPH C2  C3   sing Y N 116 
IPH C2  H2   sing N N 117 
IPH C3  C4   doub Y N 118 
IPH C3  H3   sing N N 119 
IPH C4  C5   sing Y N 120 
IPH C4  H4   sing N N 121 
IPH C5  C6   doub Y N 122 
IPH C5  H5   sing N N 123 
IPH C6  H6   sing N N 124 
IPH O1  HO1  sing N N 125 
LEU N   CA   sing N N 126 
LEU N   H    sing N N 127 
LEU N   H2   sing N N 128 
LEU CA  C    sing N N 129 
LEU CA  CB   sing N N 130 
LEU CA  HA   sing N N 131 
LEU C   O    doub N N 132 
LEU C   OXT  sing N N 133 
LEU CB  CG   sing N N 134 
LEU CB  HB2  sing N N 135 
LEU CB  HB3  sing N N 136 
LEU CG  CD1  sing N N 137 
LEU CG  CD2  sing N N 138 
LEU CG  HG   sing N N 139 
LEU CD1 HD11 sing N N 140 
LEU CD1 HD12 sing N N 141 
LEU CD1 HD13 sing N N 142 
LEU CD2 HD21 sing N N 143 
LEU CD2 HD22 sing N N 144 
LEU CD2 HD23 sing N N 145 
LEU OXT HXT  sing N N 146 
# 
_pdbx_audit_support.funding_organization   'Department of Energy (DOE, United States)' 
_pdbx_audit_support.country                'United States' 
_pdbx_audit_support.grant_number           DE-AC02-06CH11357 
_pdbx_audit_support.ordinal                1 
# 
_pdbx_initial_refinement_model.id               1 
_pdbx_initial_refinement_model.entity_id_list   ? 
_pdbx_initial_refinement_model.type             'experimental model' 
_pdbx_initial_refinement_model.source_name      PDB 
_pdbx_initial_refinement_model.accession_code   7TLS 
_pdbx_initial_refinement_model.details          ? 
# 
_space_group.name_H-M_alt     'P 1 21 1' 
_space_group.name_Hall        'P 2yb' 
_space_group.IT_number        4 
_space_group.crystal_system   monoclinic 
_space_group.id               1 
# 
_atom_sites.entry_id                    9C01 
_atom_sites.Cartn_transf_matrix[1][1]   ? 
_atom_sites.Cartn_transf_matrix[1][2]   ? 
_atom_sites.Cartn_transf_matrix[1][3]   ? 
_atom_sites.Cartn_transf_matrix[2][1]   ? 
_atom_sites.Cartn_transf_matrix[2][2]   ? 
_atom_sites.Cartn_transf_matrix[2][3]   ? 
_atom_sites.Cartn_transf_matrix[3][1]   ? 
_atom_sites.Cartn_transf_matrix[3][2]   ? 
_atom_sites.Cartn_transf_matrix[3][3]   ? 
_atom_sites.Cartn_transf_vector[1]      ? 
_atom_sites.Cartn_transf_vector[2]      ? 
_atom_sites.Cartn_transf_vector[3]      ? 
_atom_sites.Cartn_transform_axes        ? 
_atom_sites.fract_transf_matrix[1][1]   -0.05478566 
_atom_sites.fract_transf_matrix[1][2]   -0.03066029 
_atom_sites.fract_transf_matrix[1][3]   -0.03666963 
_atom_sites.fract_transf_matrix[2][1]   -0.02723178 
_atom_sites.fract_transf_matrix[2][2]   -0.02765777 
_atom_sites.fract_transf_matrix[2][3]   0.06381046 
_atom_sites.fract_transf_matrix[3][1]   -0.02418164 
_atom_sites.fract_transf_matrix[3][2]   0.02781925 
_atom_sites.fract_transf_matrix[3][3]   0.00173811 
_atom_sites.fract_transf_vector[1]      0.143700 
_atom_sites.fract_transf_vector[2]      0.193102 
_atom_sites.fract_transf_vector[3]      0.334652 
_atom_sites.solution_primary            ? 
_atom_sites.solution_secondary          ? 
_atom_sites.solution_hydrogens          ? 
_atom_sites.special_details             ? 
# 
loop_
_atom_type.symbol 
_atom_type.scat_dispersion_real 
_atom_type.scat_dispersion_imag 
_atom_type.scat_Cromer_Mann_a1 
_atom_type.scat_Cromer_Mann_a2 
_atom_type.scat_Cromer_Mann_a3 
_atom_type.scat_Cromer_Mann_a4 
_atom_type.scat_Cromer_Mann_b1 
_atom_type.scat_Cromer_Mann_b2 
_atom_type.scat_Cromer_Mann_b3 
_atom_type.scat_Cromer_Mann_b4 
_atom_type.scat_Cromer_Mann_c 
_atom_type.scat_source 
_atom_type.scat_dispersion_source 
C ? ? 2.51340 1.74867 1.72398 ? 31.80534 0.44561  10.58317 ? 0.0 
;3-Gaussian fit: Grosse-Kunstleve RW, Sauter NK, Adams PD: Newsletter of the IUCr Commission on Crystallographic Computing 2004, 3, 22-31.
;
? 
H ? ? 0.53795 0.34799 0.11320 ? 10.08003 29.74760 2.57510  ? 0.0 
;3-Gaussian fit: Grosse-Kunstleve RW, Sauter NK, Adams PD: Newsletter of the IUCr Commission on Crystallographic Computing 2004, 3, 22-31.
;
? 
N ? ? 2.99955 2.25584 1.72788 ? 23.27268 7.45433  0.31622  ? 0.0 
;3-Gaussian fit: Grosse-Kunstleve RW, Sauter NK, Adams PD: Newsletter of the IUCr Commission on Crystallographic Computing 2004, 3, 22-31.
;
? 
O ? ? 3.21184 3.04156 1.73156 ? 18.83700 5.90590  0.24126  ? 0.0 
;3-Gaussian fit: Grosse-Kunstleve RW, Sauter NK, Adams PD: Newsletter of the IUCr Commission on Crystallographic Computing 2004, 3, 22-31.
;
? 
# 
loop_
_atom_site.group_PDB 
_atom_site.id 
_atom_site.type_symbol 
_atom_site.label_atom_id 
_atom_site.label_alt_id 
_atom_site.label_comp_id 
_atom_site.label_asym_id 
_atom_site.label_entity_id 
_atom_site.label_seq_id 
_atom_site.pdbx_PDB_ins_code 
_atom_site.Cartn_x 
_atom_site.Cartn_y 
_atom_site.Cartn_z 
_atom_site.occupancy 
_atom_site.B_iso_or_equiv 
_atom_site.pdbx_formal_charge 
_atom_site.auth_seq_id 
_atom_site.auth_comp_id 
_atom_site.auth_asym_id 
_atom_site.auth_atom_id 
_atom_site.pdbx_PDB_model_num 
ATOM   1   N N    A LEU A 1 1 ? 3.08986  0.09777   7.55074   0.498 4.88918  ? 2   LEU A N    1 
ATOM   2   N N    B LEU A 1 1 ? 3.07825  -0.23271  7.41039   0.502 4.79929  ? 2   LEU A N    1 
ATOM   3   C CA   A LEU A 1 1 ? 1.85552  0.72882   7.12044   0.498 4.61681  ? 2   LEU A CA   1 
ATOM   4   C CA   B LEU A 1 1 ? 1.90260  0.56083   7.09192   0.502 4.58197  ? 2   LEU A CA   1 
ATOM   5   C C    A LEU A 1 1 ? 1.89517  1.08732   5.62530   0.498 4.17860  ? 2   LEU A C    1 
ATOM   6   C C    B LEU A 1 1 ? 1.92318  1.04025   5.63521   0.502 4.58755  ? 2   LEU A C    1 
ATOM   7   O O    A LEU A 1 1 ? 0.90969  0.85399   4.89148   0.498 3.78432  ? 2   LEU A O    1 
ATOM   8   O O    B LEU A 1 1 ? 0.90672  0.97209   4.93603   0.502 4.71957  ? 2   LEU A O    1 
ATOM   9   C CB   A LEU A 1 1 ? 1.59600  1.98059   7.98430   0.498 4.99773  ? 2   LEU A CB   1 
ATOM   10  C CB   B LEU A 1 1 ? 1.82559  1.78279   8.01876   0.502 4.87190  ? 2   LEU A CB   1 
ATOM   11  C CG   A LEU A 1 1 ? 0.39777  2.81384   7.57826   0.498 5.29230  ? 2   LEU A CG   1 
ATOM   12  C CG   B LEU A 1 1 ? 0.75598  2.81724   7.65413   0.502 5.53990  ? 2   LEU A CG   1 
ATOM   13  C CD1  A LEU A 1 1 ? -0.89228 2.01446   7.58960   0.498 5.58314  ? 2   LEU A CD1  1 
ATOM   14  C CD1  B LEU A 1 1 ? -0.65757 2.26914   7.69095   0.502 6.08088  ? 2   LEU A CD1  1 
ATOM   15  C CD2  A LEU A 1 1 ? 0.30116  4.01880   8.54210   0.498 5.78271  ? 2   LEU A CD2  1 
ATOM   16  C CD2  B LEU A 1 1 ? 0.85185  4.01971   8.59806   0.502 6.54372  ? 2   LEU A CD2  1 
ATOM   17  H H1   A LEU A 1 1 ? 3.11326  -0.08993  8.38788   0.498 5.86778  ? 2   LEU A H1   1 
ATOM   18  H H1   B LEU A 1 1 ? 3.72620  0.22963   7.74022   0.502 5.75991  ? 2   LEU A H1   1 
ATOM   19  H HA   A LEU A 1 1 ? 1.11375  0.11495   7.23809   0.498 5.54094  ? 2   LEU A HA   1 
ATOM   20  H HA   B LEU A 1 1 ? 1.11462  0.00981   7.21984   0.502 5.49912  ? 2   LEU A HA   1 
ATOM   21  H HB2  A LEU A 1 1 ? 1.45298  1.69451   8.90005   0.498 5.99804  ? 2   LEU A HB2  1 
ATOM   22  H HB2  B LEU A 1 1 ? 1.63393  1.47212   8.91745   0.502 5.84704  ? 2   LEU A HB2  1 
ATOM   23  H HB3  A LEU A 1 1 ? 2.37745  2.55302   7.93376   0.498 5.99804  ? 2   LEU A HB3  1 
ATOM   24  H HB3  B LEU A 1 1 ? 2.68389  2.23431   7.99982   0.502 5.84704  ? 2   LEU A HB3  1 
ATOM   25  H HG   A LEU A 1 1 ? 0.51268  3.12062   6.66525   0.498 6.35152  ? 2   LEU A HG   1 
ATOM   26  H HG   B LEU A 1 1 ? 0.92679  3.08602   6.73789   0.502 6.64864  ? 2   LEU A HG   1 
ATOM   27  H HD11 A LEU A 1 1 ? -0.82217 1.29259   6.94546   0.498 6.70053  ? 2   LEU A HD11 1 
ATOM   28  H HD11 B LEU A 1 1 ? -0.71276 1.49826   7.10478   0.502 7.29782  ? 2   LEU A HD11 1 
ATOM   29  H HD12 A LEU A 1 1 ? -1.03149 1.65216   8.47857   0.498 6.70053  ? 2   LEU A HD12 1 
ATOM   30  H HD12 B LEU A 1 1 ? -0.87185 2.00905   8.60054   0.502 7.29782  ? 2   LEU A HD12 1 
ATOM   31  H HD13 A LEU A 1 1 ? -1.62849 2.59959   7.35185   0.498 6.70053  ? 2   LEU A HD13 1 
ATOM   32  H HD13 B LEU A 1 1 ? -1.27120 2.95771   7.39055   0.502 7.29782  ? 2   LEU A HD13 1 
ATOM   33  H HD21 A LEU A 1 1 ? 0.13081  3.69248   9.43953   0.498 6.94002  ? 2   LEU A HD21 1 
ATOM   34  H HD21 B LEU A 1 1 ? 0.61819  3.73596   9.49571   0.502 7.85323  ? 2   LEU A HD21 1 
ATOM   35  H HD22 A LEU A 1 1 ? 1.13866  4.50774   8.52134   0.498 6.94002  ? 2   LEU A HD22 1 
ATOM   36  H HD22 B LEU A 1 1 ? 1.76006  4.36012   8.58463   0.502 7.85323  ? 2   LEU A HD22 1 
ATOM   37  H HD23 A LEU A 1 1 ? -0.42517 4.59457   8.25605   0.498 6.94002  ? 2   LEU A HD23 1 
ATOM   38  H HD23 B LEU A 1 1 ? 0.23659  4.70683   8.29768   0.502 7.85323  ? 2   LEU A HD23 1 
HETATM 39  N N    A AIB A 1 2 ? 2.99692  1.69388   5.17095   0.576 4.16932  ? 3   AIB A N    1 
HETATM 40  N N    B AIB A 1 2 ? 3.08025  1.50599   5.16570   0.424 4.30590  ? 3   AIB A N    1 
HETATM 41  C CA   A AIB A 1 2 ? 3.08907  2.11287   3.78915   0.576 4.29352  ? 3   AIB A CA   1 
HETATM 42  C CA   B AIB A 1 2 ? 3.18455  2.04487   3.82373   0.424 4.71852  ? 3   AIB A CA   1 
HETATM 43  C C    A AIB A 1 2 ? 2.70899  0.93924   2.84461   0.576 4.00851  ? 3   AIB A C    1 
HETATM 44  C C    B AIB A 1 2 ? 2.76669  0.95423   2.81996   0.424 4.63863  ? 3   AIB A C    1 
HETATM 45  O O    A AIB A 1 2 ? 1.88674  1.11218   1.94610   0.576 4.30192  ? 3   AIB A O    1 
HETATM 46  O O    B AIB A 1 2 ? 2.01341  1.15958   1.86994   0.424 5.10830  ? 3   AIB A O    1 
HETATM 47  C CB1  A AIB A 1 2 ? 2.13215  3.30017   3.53132   0.576 4.82513  ? 3   AIB A CB1  1 
HETATM 48  C CB1  B AIB A 1 2 ? 2.32261  3.30384   3.62740   0.424 4.96180  ? 3   AIB A CB1  1 
HETATM 49  C CB2  A AIB A 1 2 ? 4.52671  2.56906   3.50891   0.576 4.62556  ? 3   AIB A CB2  1 
HETATM 50  C CB2  B AIB A 1 2 ? 4.65421  2.31679   3.46785   0.424 4.61341  ? 3   AIB A CB2  1 
HETATM 51  H H    A AIB A 1 2 ? 3.64934  2.19419   5.74196   0.498 5.00394  ? 3   AIB A H    1 
HETATM 52  H H    B AIB A 1 2 ? 3.98108  1.23284   5.50612   0.502 5.16784  ? 3   AIB A H    1 
HETATM 53  H HB11 A AIB A 1 2 ? 1.08517  2.99924   3.77367   0.576 5.79092  ? 3   AIB A HB11 1 
HETATM 54  H HB11 B AIB A 1 2 ? 1.24676  3.05148   3.78327   0.424 5.95492  ? 3   AIB A HB11 1 
HETATM 55  H HB12 A AIB A 1 2 ? 2.42399  4.16507   4.17337   0.576 5.79092  ? 3   AIB A HB12 1 
HETATM 56  H HB12 B AIB A 1 2 ? 2.62680  4.08661   4.36239   0.424 5.95492  ? 3   AIB A HB12 1 
HETATM 57  H HB13 A AIB A 1 2 ? 2.18864  3.60304   2.45870   0.576 5.79092  ? 3   AIB A HB13 1 
HETATM 58  H HB13 B AIB A 1 2 ? 2.46163  3.69752   2.59244   0.424 5.95492  ? 3   AIB A HB13 1 
HETATM 59  H HB21 A AIB A 1 2 ? 4.64239  2.75871   2.41423   0.576 5.55144  ? 3   AIB A HB21 1 
HETATM 60  H HB21 B AIB A 1 2 ? 4.71926  2.62283   2.39557   0.424 5.53686  ? 3   AIB A HB21 1 
HETATM 61  H HB22 A AIB A 1 2 ? 4.72969  3.50708   4.08042   0.576 5.55144  ? 3   AIB A HB22 1 
HETATM 62  H HB22 B AIB A 1 2 ? 5.04212  3.13584   4.12083   0.424 5.53686  ? 3   AIB A HB22 1 
HETATM 63  H HB23 A AIB A 1 2 ? 5.23353  1.76684   3.83220   0.576 5.55144  ? 3   AIB A HB23 1 
HETATM 64  H HB23 B AIB A 1 2 ? 5.24802  1.38534   3.63370   0.424 5.53686  ? 3   AIB A HB23 1 
ATOM   65  N N    . ALA A 1 3 ? 3.31964  -0.23409  3.03697   1.000 4.44327  ? 4   ALA A N    1 
ATOM   66  C CA   . ALA A 1 3 ? 3.04221  -1.35570  2.14057   1.000 4.98782  ? 4   ALA A CA   1 
ATOM   67  C C    . ALA A 1 3 ? 1.55462  -1.73476  2.15441   1.000 4.50139  ? 4   ALA A C    1 
ATOM   68  O O    . ALA A 1 3 ? 0.98060  -2.05940  1.09515   1.000 5.08160  ? 4   ALA A O    1 
ATOM   69  C CB   . ALA A 1 3 ? 3.87389  -2.58090  2.52218   1.000 6.38449  ? 4   ALA A CB   1 
ATOM   70  H H    . ALA A 1 3 ? 3.88419  -0.39963  3.66424   1.000 5.33269  ? 4   ALA A H    1 
ATOM   71  H HA   . ALA A 1 3 ? 3.28582  -1.08102  1.24274   1.000 5.98615  ? 4   ALA A HA   1 
ATOM   72  H HB1  . ALA A 1 3 ? 3.63968  -3.31684  1.93527   1.000 7.66215  ? 4   ALA A HB1  1 
ATOM   73  H HB2  . ALA A 1 3 ? 4.81489  -2.36665  2.42471   1.000 7.66215  ? 4   ALA A HB2  1 
ATOM   74  H HB3  . ALA A 1 3 ? 3.68234  -2.81829  3.44296   1.000 7.66215  ? 4   ALA A HB3  1 
HETATM 75  N N    . AIB A 1 4 ? 0.95376  -1.70949  3.34161   1.000 4.33633  ? 5   AIB A N    1 
HETATM 76  C CA   . AIB A 1 4 ? -0.44064 -2.09113  3.52699   1.000 4.77749  ? 5   AIB A CA   1 
HETATM 77  C C    . AIB A 1 4 ? -1.33506 -1.17568  2.67539   1.000 4.71579  ? 5   AIB A C    1 
HETATM 78  O O    . AIB A 1 4 ? -2.37853 -1.58411  2.15271   1.000 6.41623  ? 5   AIB A O    1 
HETATM 79  C CB1  . AIB A 1 4 ? -0.68810 -3.56216  3.15986   1.000 5.78330  ? 5   AIB A CB1  1 
HETATM 80  C CB2  . AIB A 1 4 ? -0.79543 -1.87449  4.99780   1.000 5.21028  ? 5   AIB A CB2  1 
HETATM 81  H H    . AIB A 1 4 ? 1.24841  -1.13230  4.10451   1.000 5.20436  ? 5   AIB A H    1 
HETATM 82  H HB11 . AIB A 1 4 ? 0.07821  -4.20700  3.65220   1.000 6.94072  ? 5   AIB A HB11 1 
HETATM 83  H HB12 . AIB A 1 4 ? -1.70395 -3.87027  3.50420   1.000 6.94072  ? 5   AIB A HB12 1 
HETATM 84  H HB13 . AIB A 1 4 ? -0.62044 -3.69043  2.05332   1.000 6.94072  ? 5   AIB A HB13 1 
HETATM 85  H HB21 . AIB A 1 4 ? -1.78849 -2.34153  5.20610   1.000 6.25310  ? 5   AIB A HB21 1 
HETATM 86  H HB22 . AIB A 1 4 ? -0.01112 -2.34915  5.63596   1.000 6.25310  ? 5   AIB A HB22 1 
HETATM 87  H HB23 . AIB A 1 4 ? -0.84068 -0.77769  5.20438   1.000 6.25310  ? 5   AIB A HB23 1 
ATOM   88  N N    . LEU A 1 5 ? -0.98219 0.11098   2.58663   1.000 4.32160  ? 6   LEU A N    1 
ATOM   89  C CA   . LEU A 1 5 ? -1.75352 1.01644   1.75829   1.000 4.91794  ? 6   LEU A CA   1 
ATOM   90  C C    . LEU A 1 5 ? -1.38965 0.91583   0.27664   1.000 4.70654  ? 6   LEU A C    1 
ATOM   91  O O    . LEU A 1 5 ? -2.27305 0.97286   -0.59588  1.000 5.22041  ? 6   LEU A O    1 
ATOM   92  C CB   . LEU A 1 5 ? -1.55487 2.47038   2.22837   1.000 5.80213  ? 6   LEU A CB   1 
ATOM   93  C CG   . LEU A 1 5 ? -2.00568 2.75377   3.65631   1.000 7.37841  ? 6   LEU A CG   1 
ATOM   94  C CD1  . LEU A 1 5 ? -1.68105 4.19712   4.00856   1.000 8.29358  ? 6   LEU A CD1  1 
ATOM   95  C CD2  . LEU A 1 5 ? -3.48683 2.47183   3.84197   1.000 8.72577  ? 6   LEU A CD2  1 
ATOM   96  H H    . LEU A 1 5 ? -0.31266 0.46805   2.99136   1.000 5.18668  ? 6   LEU A H    1 
ATOM   97  H HA   . LEU A 1 5 ? -2.68801 0.77172   1.84627   1.000 5.90229  ? 6   LEU A HA   1 
ATOM   98  H HB2  . LEU A 1 5 ? -0.61019 2.68358   2.17336   1.000 6.96332  ? 6   LEU A HB2  1 
ATOM   99  H HB3  . LEU A 1 5 ? -2.06133 3.05371   1.64176   1.000 6.96332  ? 6   LEU A HB3  1 
ATOM   100 H HG   . LEU A 1 5 ? -1.53173 2.16411   4.26341   1.000 8.85485  ? 6   LEU A HG   1 
ATOM   101 H HD11 . LEU A 1 5 ? -1.95458 4.36812   4.92336   1.000 9.95306  ? 6   LEU A HD11 1 
ATOM   102 H HD12 . LEU A 1 5 ? -0.72556 4.33720   3.91733   1.000 9.95306  ? 6   LEU A HD12 1 
ATOM   103 H HD13 . LEU A 1 5 ? -2.16076 4.78518   3.40446   1.000 9.95306  ? 6   LEU A HD13 1 
ATOM   104 H HD21 . LEU A 1 5 ? -3.64373 1.52111   3.73060   1.000 10.47169 ? 6   LEU A HD21 1 
ATOM   105 H HD22 . LEU A 1 5 ? -3.75172 2.74864   4.73311   1.000 10.47169 ? 6   LEU A HD22 1 
ATOM   106 H HD23 . LEU A 1 5 ? -3.98877 2.96994   3.17801   1.000 10.47169 ? 6   LEU A HD23 1 
HETATM 107 N N    A AIB A 1 6 ? -0.07719 0.85860   0.02521   0.510 4.57324  ? 7   AIB A N    1 
HETATM 108 N N    B AIB A 1 6 ? -0.10585 0.71016   -0.01199  0.490 4.47254  ? 7   AIB A N    1 
HETATM 109 C CA   A AIB A 1 6 ? 0.52674  0.83610   -1.29154  0.510 4.73823  ? 7   AIB A CA   1 
HETATM 110 C CA   B AIB A 1 6 ? 0.43746  0.80974   -1.35172  0.490 4.96184  ? 7   AIB A CA   1 
HETATM 111 C C    A AIB A 1 6 ? -0.02725 -0.25326  -2.20725  0.510 4.35525  ? 7   AIB A C    1 
HETATM 112 C C    B AIB A 1 6 ? -0.04750 -0.34295  -2.25436  0.490 4.76324  ? 7   AIB A C    1 
HETATM 113 O O    A AIB A 1 6 ? 0.05747  -0.16345  -3.43363  0.510 4.47554  ? 7   AIB A O    1 
HETATM 114 O O    B AIB A 1 6 ? 0.10886  -0.32797  -3.47706  0.490 5.29061  ? 7   AIB A O    1 
HETATM 115 C CB1  A AIB A 1 6 ? 0.35053  2.19292   -2.00409  0.510 5.11331  ? 7   AIB A CB1  1 
HETATM 116 C CB1  B AIB A 1 6 ? 0.05092  2.15943   -1.99330  0.490 5.12116  ? 7   AIB A CB1  1 
HETATM 117 C CB2  A AIB A 1 6 ? 2.04057  0.52720   -1.15016  0.510 4.96698  ? 7   AIB A CB2  1 
HETATM 118 C CB2  B AIB A 1 6 ? 1.97059  0.66463   -1.30364  0.490 5.49414  ? 7   AIB A CB2  1 
HETATM 119 H H    A AIB A 1 6 ? 0.61464  1.17963   0.67354   0.510 5.48865  ? 7   AIB A H    1 
HETATM 120 H H    B AIB A 1 6 ? 0.50605  0.15136   0.54954   0.490 5.36781  ? 7   AIB A H    1 
HETATM 121 H HB11 A AIB A 1 6 ? -0.73588 2.40552   -2.14542  0.510 6.13674  ? 7   AIB A HB11 1 
HETATM 122 H HB11 B AIB A 1 6 ? -1.04798 2.18338   -2.18641  0.490 6.14615  ? 7   AIB A HB11 1 
HETATM 123 H HB12 A AIB A 1 6 ? 0.80664  3.00378   -1.38771  0.510 6.13674  ? 7   AIB A HB12 1 
HETATM 124 H HB12 B AIB A 1 6 ? 0.32139  2.99479   -1.30446  0.490 6.14615  ? 7   AIB A HB12 1 
HETATM 125 H HB13 A AIB A 1 6 ? 0.85185  2.16258   -3.00069  0.510 6.13674  ? 7   AIB A HB13 1 
HETATM 126 H HB13 B AIB A 1 6 ? 0.59662  2.28743   -2.95833  0.490 6.14615  ? 7   AIB A HB13 1 
HETATM 127 H HB21 A AIB A 1 6 ? 2.47716  0.36972   -2.16617  0.510 5.96114  ? 7   AIB A HB21 1 
HETATM 128 H HB21 B AIB A 1 6 ? 2.37714  0.74326   -2.34106  0.490 6.59373  ? 7   AIB A HB21 1 
HETATM 129 H HB22 A AIB A 1 6 ? 2.54376  1.39001   -0.65009  0.510 5.96114  ? 7   AIB A HB22 1 
HETATM 130 H HB22 B AIB A 1 6 ? 2.39426  1.47878   -0.66695  0.490 6.59373  ? 7   AIB A HB22 1 
HETATM 131 H HB23 A AIB A 1 6 ? 2.16853  -0.39597  -0.53450  0.510 5.96114  ? 7   AIB A HB23 1 
HETATM 132 H HB23 B AIB A 1 6 ? 2.22928  -0.33119  -0.86877  0.490 6.59373  ? 7   AIB A HB23 1 
ATOM   133 N N    A GLN A 1 7 ? -0.58509 -1.30399  -1.60783  0.531 4.25773  ? 8   GLN A N    1 
ATOM   134 N N    B GLN A 1 7 ? -0.61071 -1.38317  -1.64002  0.469 4.36255  ? 8   GLN A N    1 
ATOM   135 C CA   A GLN A 1 7 ? -1.10646 -2.41618  -2.38668  0.531 3.93528  ? 8   GLN A CA   1 
ATOM   136 C CA   B GLN A 1 7 ? -1.16339 -2.48581  -2.41302  0.469 4.01007  ? 8   GLN A CA   1 
ATOM   137 C C    A GLN A 1 7 ? -2.17115 -1.97413  -3.40709  0.531 3.56845  ? 8   GLN A C    1 
ATOM   138 C C    B GLN A 1 7 ? -2.15190 -1.98319  -3.47136  0.469 3.81622  ? 8   GLN A C    1 
ATOM   139 O O    A GLN A 1 7 ? -2.38278 -2.68882  -4.39654  0.531 4.02063  ? 8   GLN A O    1 
ATOM   140 O O    B GLN A 1 7 ? -2.29197 -2.63776  -4.51009  0.469 3.90236  ? 8   GLN A O    1 
ATOM   141 C CB   A GLN A 1 7 ? -1.68741 -3.49960  -1.47908  0.531 4.14608  ? 8   GLN A CB   1 
ATOM   142 C CB   B GLN A 1 7 ? -1.83611 -3.52314  -1.49776  0.469 3.69212  ? 8   GLN A CB   1 
ATOM   143 C CG   A GLN A 1 7 ? -2.89311 -3.03586  -0.67761  0.531 4.02242  ? 8   GLN A CG   1 
ATOM   144 C CG   B GLN A 1 7 ? -3.11738 -3.03553  -0.84512  0.469 3.17265  ? 8   GLN A CG   1 
ATOM   145 C CD   A GLN A 1 7 ? -3.50383 -4.17393  0.10260   0.531 3.94828  ? 8   GLN A CD   1 
ATOM   146 C CD   B GLN A 1 7 ? -3.69852 -4.09348  0.07675   0.469 3.21528  ? 8   GLN A CD   1 
ATOM   147 O OE1  A GLN A 1 7 ? -3.84203 -5.21654  -0.45263  0.531 4.56445  ? 8   GLN A OE1  1 
ATOM   148 O OE1  B GLN A 1 7 ? -4.00198 -5.21404  -0.33954  0.469 3.62252  ? 8   GLN A OE1  1 
ATOM   149 N NE2  A GLN A 1 7 ? -3.57551 -4.02652  1.40424   0.531 4.28703  ? 8   GLN A NE2  1 
ATOM   150 N NE2  B GLN A 1 7 ? -3.92258 -3.72699  1.33148   0.469 3.71480  ? 8   GLN A NE2  1 
ATOM   151 H H    A GLN A 1 7 ? -0.67128 -1.39261  -0.75676  0.510 5.11004  ? 8   GLN A H    1 
ATOM   152 H H    B GLN A 1 7 ? -0.68245 -1.46961  -0.78739  0.490 5.23582  ? 8   GLN A H    1 
ATOM   153 H HA   A GLN A 1 7 ? -0.36385 -2.79441  -2.88304  0.531 4.72310  ? 8   GLN A HA   1 
ATOM   154 H HA   B GLN A 1 7 ? -0.43672 -2.93319  -2.87419  0.469 4.81284  ? 8   GLN A HA   1 
ATOM   155 H HB2  A GLN A 1 7 ? -1.96529 -4.25055  -2.02659  0.531 4.97606  ? 8   GLN A HB2  1 
ATOM   156 H HB2  B GLN A 1 7 ? -2.05402 -4.30755  -2.02513  0.469 4.43131  ? 8   GLN A HB2  1 
ATOM   157 H HB3  A GLN A 1 7 ? -1.00376 -3.78166  -0.85141  0.531 4.97606  ? 8   GLN A HB3  1 
ATOM   158 H HB3  B GLN A 1 7 ? -1.21680 -3.76075  -0.79002  0.469 4.43131  ? 8   GLN A HB3  1 
ATOM   159 H HG2  A GLN A 1 7 ? -2.61776 -2.34838  -0.05114  0.531 4.82767  ? 8   GLN A HG2  1 
ATOM   160 H HG2  B GLN A 1 7 ? -2.93015 -2.24108  -0.32100  0.469 3.80795  ? 8   GLN A HG2  1 
ATOM   161 H HG3  A GLN A 1 7 ? -3.56512 -2.68392  -1.28214  0.531 4.82767  ? 8   GLN A HG3  1 
ATOM   162 H HG3  B GLN A 1 7 ? -3.77220 -2.83339  -1.53159  0.469 3.80795  ? 8   GLN A HG3  1 
ATOM   163 H HE21 A GLN A 1 7 ? -3.28191 -3.30684  1.77230   0.531 5.14520  ? 8   GLN A HE21 1 
ATOM   164 H HE21 B GLN A 1 7 ? -4.25091 -4.29058  1.89197   0.469 4.45853  ? 8   GLN A HE21 1 
ATOM   165 H HE22 A GLN A 1 7 ? -3.91609 -4.64956  1.88944   0.531 5.14520  ? 8   GLN A HE22 1 
ATOM   166 H HE22 B GLN A 1 7 ? -3.73952 -2.92573  1.58462   0.469 4.45853  ? 8   GLN A HE22 1 
HETATM 167 N N    A AIB A 1 8 ? -2.81964 -0.82690  -3.17879  0.528 3.30074  ? 9   AIB A N    1 
HETATM 168 N N    B AIB A 1 8 ? -2.79315 -0.83348  -3.24051  0.472 4.39407  ? 9   AIB A N    1 
HETATM 169 C CA   A AIB A 1 8 ? -3.78426 -0.25262  -4.11803  0.528 3.54799  ? 9   AIB A CA   1 
HETATM 170 C CA   B AIB A 1 8 ? -3.74930 -0.28095  -4.18194  0.472 4.88672  ? 9   AIB A CA   1 
HETATM 171 C C    A AIB A 1 8 ? -3.21978 -0.11559  -5.55045  0.528 4.11095  ? 9   AIB A C    1 
HETATM 172 C C    B AIB A 1 8 ? -3.03562 -0.04772  -5.54479  0.472 5.11624  ? 9   AIB A C    1 
HETATM 173 O O    A AIB A 1 8 ? -3.97928 -0.08275  -6.54166  0.528 5.24600  ? 9   AIB A O    1 
HETATM 174 O O    B AIB A 1 8 ? -3.65318 -0.03217  -6.60367  0.472 6.19081  ? 9   AIB A O    1 
HETATM 175 C CB1  A AIB A 1 8 ? -5.08785 -1.04220  -4.22530  0.528 3.88171  ? 9   AIB A CB1  1 
HETATM 176 C CB1  B AIB A 1 8 ? -4.95402 -1.22161  -4.30948  0.472 5.17144  ? 9   AIB A CB1  1 
HETATM 177 C CB2  A AIB A 1 8 ? -4.02922 1.19277   -3.63342  0.528 3.58964  ? 9   AIB A CB2  1 
HETATM 178 C CB2  B AIB A 1 8 ? -4.22985 1.09773   -3.70490  0.472 5.28575  ? 9   AIB A CB2  1 
HETATM 179 H H    A AIB A 1 8 ? -2.48031 -0.10765  -2.57089  0.531 3.96165  ? 9   AIB A H    1 
HETATM 180 H H    B AIB A 1 8 ? -2.45363 -0.11271  -2.63455  0.469 5.27364  ? 9   AIB A H    1 
HETATM 181 H HB11 A AIB A 1 8 ? -5.55482 -1.13661  -3.21610  0.528 4.65881  ? 9   AIB A HB11 1 
HETATM 182 H HB11 B AIB A 1 8 ? -5.20624 -1.64790  -3.30942  0.472 6.20649  ? 9   AIB A HB11 1 
HETATM 183 H HB12 A AIB A 1 8 ? -5.79347 -0.51266  -4.90877  0.528 4.65881  ? 9   AIB A HB12 1 
HETATM 184 H HB12 B AIB A 1 8 ? -5.83323 -0.65629  -4.70046  0.472 6.20649  ? 9   AIB A HB12 1 
HETATM 185 H HB13 A AIB A 1 8 ? -4.87864 -2.06086  -4.63029  0.528 4.65881  ? 9   AIB A HB13 1 
HETATM 186 H HB13 B AIB A 1 8 ? -4.70951 -2.05316  -5.01248  0.472 6.20649  ? 9   AIB A HB13 1 
HETATM 187 H HB21 A AIB A 1 8 ? -4.60236 1.16399   -2.67510  0.528 4.30833  ? 9   AIB A HB21 1 
HETATM 188 H HB21 B AIB A 1 8 ? -4.42030 1.05715   -2.60500  0.472 6.34366  ? 9   AIB A HB21 1 
HETATM 189 H HB22 A AIB A 1 8 ? -3.04473 1.69524   -3.47225  0.528 4.30833  ? 9   AIB A HB22 1 
HETATM 190 H HB22 B AIB A 1 8 ? -3.43989 1.85591   -3.92587  0.472 6.34366  ? 9   AIB A HB22 1 
HETATM 191 H HB23 A AIB A 1 8 ? -4.61421 1.74347   -4.40945  0.528 4.30833  ? 9   AIB A HB23 1 
HETATM 192 H HB23 B AIB A 1 8 ? -5.17169 1.36235   -4.24396  0.472 6.34366  ? 9   AIB A HB23 1 
ATOM   193 N N    A LEU A 1 9 ? -1.89289 0.05532   -5.62812  0.595 4.45048  ? 10  LEU A N    1 
ATOM   194 N N    B LEU A 1 9 ? -1.71101 0.19479   -5.46756  0.405 4.81218  ? 10  LEU A N    1 
ATOM   195 C CA   A LEU A 1 9 ? -1.20166 0.28475   -6.88601  0.595 4.86909  ? 10  LEU A CA   1 
ATOM   196 C CA   B LEU A 1 9 ? -0.83893 0.48796   -6.62215  0.405 5.02203  ? 10  LEU A CA   1 
ATOM   197 C C    A LEU A 1 9 ? -0.57616 -0.98309  -7.45007  0.595 4.93813  ? 10  LEU A C    1 
ATOM   198 C C    B LEU A 1 9 ? 0.04763  -0.69423  -6.99972  0.405 5.19526  ? 10  LEU A C    1 
ATOM   199 O O    A LEU A 1 9 ? 0.00702  -1.01273  -8.50175  0.595 5.22817  ? 10  LEU A O    1 
ATOM   200 O O    B LEU A 1 9 ? 0.95023  -0.62722  -7.81002  0.405 6.42562  ? 10  LEU A O    1 
ATOM   201 C CB   A LEU A 1 9 ? -0.10839 1.35463   -6.67946  0.595 5.37901  ? 10  LEU A CB   1 
ATOM   202 C CB   B LEU A 1 9 ? 0.09742  1.66571   -6.32325  0.405 5.09616  ? 10  LEU A CB   1 
ATOM   203 C CG   A LEU A 1 9 ? -0.62184 2.62826   -6.00854  0.595 5.64060  ? 10  LEU A CG   1 
ATOM   204 C CG   B LEU A 1 9 ? -0.60669 2.96816   -6.05104  0.405 6.31455  ? 10  LEU A CG   1 
ATOM   205 C CD1  A LEU A 1 9 ? 0.51561  3.62667   -5.78173  0.595 6.38809  ? 10  LEU A CD1  1 
ATOM   206 C CD1  B LEU A 1 9 ? 0.38645  4.06531   -5.69351  0.405 6.53994  ? 10  LEU A CD1  1 
ATOM   207 C CD2  A LEU A 1 9 ? -1.75202 3.25467   -6.83126  0.595 6.41101  ? 10  LEU A CD2  1 
ATOM   208 C CD2  B LEU A 1 9 ? -1.42844 3.34461   -7.25680  0.405 6.64365  ? 10  LEU A CD2  1 
ATOM   209 H H    A LEU A 1 9 ? -1.36701 0.04106   -4.94778  0.528 5.34134  ? 10  LEU A H    1 
ATOM   210 H H    B LEU A 1 9 ? -1.27628 0.19501   -4.72552  0.472 5.77538  ? 10  LEU A H    1 
ATOM   211 H HA   A LEU A 1 9 ? -1.84648 0.59542   -7.54066  0.595 5.84367  ? 10  LEU A HA   1 
ATOM   212 H HA   B LEU A 1 9 ? -1.42723 0.70190   -7.36312  0.405 6.02720  ? 10  LEU A HA   1 
ATOM   213 H HB2  A LEU A 1 9 ? 0.59010  0.98304   -6.11827  0.595 6.45557  ? 10  LEU A HB2  1 
ATOM   214 H HB2  B LEU A 1 9 ? 0.62619  1.44821   -5.53967  0.405 6.11616  ? 10  LEU A HB2  1 
ATOM   215 H HB3  A LEU A 1 9 ? 0.25611  1.59963   -7.54435  0.595 6.45557  ? 10  LEU A HB3  1 
ATOM   216 H HB3  B LEU A 1 9 ? 0.67813  1.80000   -7.08852  0.405 6.11616  ? 10  LEU A HB3  1 
ATOM   217 H HG   A LEU A 1 9 ? -0.98256 2.39865   -5.13787  0.595 6.76948  ? 10  LEU A HG   1 
ATOM   218 H HG   B LEU A 1 9 ? -1.19771 2.86978   -5.28820  0.405 7.57822  ? 10  LEU A HG   1 
ATOM   219 H HD11 A LEU A 1 9 ? 0.15652  4.42483   -5.36354  0.595 7.66647  ? 10  LEU A HD11 1 
ATOM   220 H HD11 B LEU A 1 9 ? 0.98720  4.20377   -6.44239  0.405 7.84870  ? 10  LEU A HD11 1 
ATOM   221 H HD12 A LEU A 1 9 ? 1.18107  3.22137   -5.20400  0.595 7.66647  ? 10  LEU A HD12 1 
ATOM   222 H HD12 B LEU A 1 9 ? -0.10045 4.88269   -5.50452  0.405 7.84870  ? 10  LEU A HD12 1 
ATOM   223 H HD13 A LEU A 1 9 ? 0.91339  3.85190   -6.63727  0.595 7.66647  ? 10  LEU A HD13 1 
ATOM   224 H HD13 B LEU A 1 9 ? 0.89061  3.79221   -4.91112  0.405 7.84870  ? 10  LEU A HD13 1 
ATOM   225 H HD21 A LEU A 1 9 ? -1.91374 4.15586   -6.51095  0.595 7.69397  ? 10  LEU A HD21 1 
ATOM   226 H HD21 B LEU A 1 9 ? -0.95974 3.06427   -8.05843  0.405 7.97314  ? 10  LEU A HD21 1 
ATOM   227 H HD22 A LEU A 1 9 ? -1.48806 3.27765   -7.76437  0.595 7.69397  ? 10  LEU A HD22 1 
ATOM   228 H HD22 B LEU A 1 9 ? -2.28880 2.89976   -7.20401  0.405 7.97314  ? 10  LEU A HD22 1 
ATOM   229 H HD23 A LEU A 1 9 ? -2.55325 2.71790   -6.72729  0.595 7.69397  ? 10  LEU A HD23 1 
ATOM   230 H HD23 B LEU A 1 9 ? -1.55342 4.30648   -7.26599  0.405 7.97314  ? 10  LEU A HD23 1 
HETATM 231 C C11  A I77 B 2 . ? 3.02625  -4.80976  -6.26604  0.584 6.92058  ? 101 I77 A C11  1 
HETATM 232 C C11  B I77 B 2 . ? 2.75743  -4.87220  -6.96967  0.416 7.27334  ? 101 I77 A C11  1 
HETATM 233 C C12  A I77 B 2 . ? 1.74547  -4.75988  -6.73149  0.584 6.20362  ? 101 I77 A C12  1 
HETATM 234 C C12  B I77 B 2 . ? 1.48635  -4.95836  -7.51925  0.416 6.59722  ? 101 I77 A C12  1 
HETATM 235 C C13  A I77 B 2 . ? 0.97420  -3.49925  -6.43806  0.584 6.62009  ? 101 I77 A C13  1 
HETATM 236 C C13  B I77 B 2 . ? 0.52162  -3.78918  -7.51276  0.416 6.26152  ? 101 I77 A C13  1 
HETATM 237 C C17  A I77 B 2 . ? 1.23329  -5.86410  -7.41484  0.584 5.58042  ? 101 I77 A C17  1 
HETATM 238 C C17  B I77 B 2 . ? 1.03686  -6.16026  -8.04307  0.416 6.46337  ? 101 I77 A C17  1 
HETATM 239 C C18  A I77 B 2 . ? 2.01679  -6.97033  -7.60623  0.584 5.36415  ? 101 I77 A C18  1 
HETATM 240 C C18  B I77 B 2 . ? 1.88565  -7.22083  -8.06079  0.416 6.17683  ? 101 I77 A C18  1 
HETATM 241 C C02  A I77 B 2 . ? 6.75288  -11.45976 -7.59612  0.584 5.36750  ? 101 I77 A C02  1 
HETATM 242 C C02  B I77 B 2 . ? 6.80192  -11.45594 -7.51859  0.416 4.08416  ? 101 I77 A C02  1 
HETATM 243 C C03  A I77 B 2 . ? 5.80567  -10.27363 -7.54586  0.584 5.80530  ? 101 I77 A C03  1 
HETATM 244 C C03  B I77 B 2 . ? 5.78796  -10.33029 -7.58462  0.416 4.33910  ? 101 I77 A C03  1 
HETATM 245 C C04  A I77 B 2 . ? 6.22928  -9.19128  -6.80085  0.584 6.52906  ? 101 I77 A C04  1 
HETATM 246 C C04  B I77 B 2 . ? 6.21715  -9.11908  -7.08687  0.416 5.04105  ? 101 I77 A C04  1 
HETATM 247 C C05  A I77 B 2 . ? 5.40594  -8.10202  -6.68566  0.584 6.33621  ? 101 I77 A C05  1 
HETATM 248 C C05  B I77 B 2 . ? 5.34815  -8.07080  -7.08186  0.416 5.31710  ? 101 I77 A C05  1 
HETATM 249 C C06  A I77 B 2 . ? 4.55055  -10.24783 -8.13376  0.584 6.27254  ? 101 I77 A C06  1 
HETATM 250 C C06  B I77 B 2 . ? 4.49277  -10.47447 -8.07066  0.416 5.05417  ? 101 I77 A C06  1 
HETATM 251 C C08  A I77 B 2 . ? 4.18245  -8.12100  -7.30908  0.584 6.02571  ? 101 I77 A C08  1 
HETATM 252 C C08  B I77 B 2 . ? 4.07209  -8.27149  -7.55625  0.416 5.60382  ? 101 I77 A C08  1 
HETATM 253 C C09  A I77 B 2 . ? 3.31056  -6.93832  -7.12680  0.584 5.86288  ? 101 I77 A C09  1 
HETATM 254 C C09  B I77 B 2 . ? 3.14799  -7.08918  -7.53128  0.416 6.17161  ? 101 I77 A C09  1 
HETATM 255 N N01  A I77 B 2 . ? 6.21488  -12.68151 -8.03512  0.584 5.89987  ? 101 I77 A N01  1 
HETATM 256 N N01  B I77 B 2 . ? 6.46567  -12.62554 -8.17134  0.416 4.42935  ? 101 I77 A N01  1 
HETATM 257 N N07  A I77 B 2 . ? 3.76226  -9.16664  -7.98888  0.584 6.47717  ? 101 I77 A N07  1 
HETATM 258 N N07  B I77 B 2 . ? 3.66922  -9.42944  -8.05010  0.416 5.67763  ? 101 I77 A N07  1 
HETATM 259 N N10  A I77 B 2 . ? 3.77273  -5.87998  -6.47584  0.584 6.83695  ? 101 I77 A N10  1 
HETATM 260 N N10  B I77 B 2 . ? 3.55579  -5.93012  -7.01308  0.416 7.23011  ? 101 I77 A N10  1 
HETATM 261 N N14  A I77 B 2 . ? -0.23626 -3.32903  -7.14007  0.584 5.54485  ? 101 I77 A N14  1 
HETATM 262 N N14  B I77 B 2 . ? 0.68903  -2.92604  -6.38801  0.416 5.70482  ? 101 I77 A N14  1 
HETATM 263 N N15  A I77 B 2 . ? -0.93300 -2.18646  -6.82114  0.584 5.40950  ? 101 I77 A N15  1 
HETATM 264 N N15  B I77 B 2 . ? -0.15192 -1.83924  -6.22285  0.416 5.46884  ? 101 I77 A N15  1 
HETATM 265 O O16  A I77 B 2 . ? 1.34985  -2.66440  -5.68789  0.584 7.90513  ? 101 I77 A O16  1 
HETATM 266 O O16  B I77 B 2 . ? -0.27442 -3.58703  -8.37440  0.416 6.91764  ? 101 I77 A O16  1 
HETATM 267 O O19  A I77 B 2 . ? 7.88620  -11.34988 -7.22469  0.584 5.82769  ? 101 I77 A O19  1 
HETATM 268 O O19  B I77 B 2 . ? 7.84268  -11.35315 -6.91822  0.416 4.27849  ? 101 I77 A O19  1 
HETATM 269 H H111 A I77 B 2 . ? 3.43275  -3.97051  -5.72321  0.584 8.30546  ? 101 I77 A H111 1 
HETATM 270 H H111 B I77 B 2 . ? 3.09271  -3.95444  -6.51191  0.416 8.72876  ? 101 I77 A H111 1 
HETATM 271 H H171 A I77 B 2 . ? 0.21195  -5.84559  -7.79515  0.584 6.69726  ? 101 I77 A H171 1 
HETATM 272 H H171 B I77 B 2 . ? 0.02311  -6.25265  -8.43280  0.416 7.75681  ? 101 I77 A H171 1 
HETATM 273 H H181 A I77 B 2 . ? 1.63129  -7.84812  -8.12066  0.584 6.43774  ? 101 I77 A H181 1 
HETATM 274 H H181 B I77 B 2 . ? 1.56878  -8.16849  -8.49122  0.416 7.41296  ? 101 I77 A H181 1 
HETATM 275 H H041 A I77 B 2 . ? 7.18912  -9.20294  -6.31912  0.584 7.83564  ? 101 I77 A H041 1 
HETATM 276 H H041 B I77 B 2 . ? 7.21654  -9.00438  -6.71064  0.416 6.05003  ? 101 I77 A H041 1 
HETATM 277 H H051 A I77 B 2 . ? 5.71567  -7.23794  -6.11093  0.584 7.60422  ? 101 I77 A H051 1 
HETATM 278 H H051 B I77 B 2 . ? 5.65450  -7.09990  -6.71252  0.416 6.38129  ? 101 I77 A H051 1 
HETATM 279 H H061 A I77 B 2 . ? 4.20508  -11.09580 -8.70837  0.584 7.52781  ? 101 I77 A H061 1 
HETATM 280 H H061 B I77 B 2 . ? 4.15864  -11.42555 -8.46101  0.416 6.06577  ? 101 I77 A H061 1 
HETATM 281 H H011 A I77 B 2 . ? 5.25991  -12.74502 -8.32345  0.584 7.08060  ? 101 I77 A H011 1 
HETATM 282 H H011 B I77 B 2 . ? 5.60454  -12.70393 -8.66456  0.416 5.31598  ? 101 I77 A H011 1 
HETATM 283 H H012 A I77 B 2 . ? 6.79661  -13.50815 -8.08134  0.584 7.08060  ? 101 I77 A H012 1 
HETATM 284 H H012 B I77 B 2 . ? 7.10158  -13.41373 -8.16132  0.416 5.31598  ? 101 I77 A H012 1 
HETATM 285 H H141 A I77 B 2 . ? -0.56541 -3.99170  -7.82166  0.584 6.65458  ? 101 I77 A H141 1 
HETATM 286 H H141 B I77 B 2 . ? 1.41637  -3.10710  -5.71700  0.416 6.84654  ? 101 I77 A H141 1 
HETATM 287 H H1   A I77 B 2 . ? -1.87858 -2.39589  -6.54451  0.584 6.49216  ? 101 I77 A H1   1 
HETATM 288 H H1   B I77 B 2 . ? -1.01444 -1.99805  -6.72181  0.416 6.56336  ? 101 I77 A H1   1 
HETATM 289 C C05  A I6W C 3 . ? 6.79412  -1.79822  8.47256   0.499 5.68775  ? 102 I6W A C05  1 
HETATM 290 C C05  B I6W C 3 . ? 5.49749  -4.46849  6.47781   0.359 7.35539  ? 102 I6W A C05  1 
HETATM 291 C C05  C I6W C 3 . ? 5.71562  -3.92001  6.74146   0.141 4.96425  ? 102 I6W A C05  1 
HETATM 292 C C08  A I6W C 3 . ? 7.03707  -3.02019  7.94713   0.499 5.79330  ? 102 I6W A C08  1 
HETATM 293 C C08  B I6W C 3 . ? 6.53315  -4.09875  7.24901   0.359 7.07351  ? 102 I6W A C08  1 
HETATM 294 C C08  C I6W C 3 . ? 6.67646  -3.53067  7.61375   0.141 4.82528  ? 102 I6W A C08  1 
HETATM 295 C C09  A I6W C 3 . ? 8.38152  -3.64104  8.24168   0.499 6.10774  ? 102 I6W A C09  1 
HETATM 296 C C09  B I6W C 3 . ? 7.66214  -5.09324  7.36525   0.359 7.08165  ? 102 I6W A C09  1 
HETATM 297 C C09  C I6W C 3 . ? 7.88113  -4.46215  7.74110   0.141 4.98401  ? 102 I6W A C09  1 
HETATM 298 N N10  A I6W C 3 . ? 9.34728  -3.00046  8.90576   0.499 7.37555  ? 102 I6W A N10  1 
HETATM 299 N N10  B I6W C 3 . ? 7.52699  -6.33359  6.92887   0.359 7.82135  ? 102 I6W A N10  1 
HETATM 300 N N10  C I6W C 3 . ? 7.82154  -5.69832  7.28543   0.141 5.54092  ? 102 I6W A N10  1 
HETATM 301 C C02  A I6W C 3 . ? 3.36267  -1.17548  6.96743   0.499 5.04183  ? 102 I6W A C02  1 
HETATM 302 C C02  B I6W C 3 . ? 3.31482  -1.40877  6.63412   0.359 5.15157  ? 102 I6W A C02  1 
HETATM 303 C C02  C I6W C 3 . ? 3.28905  -1.02835  7.02038   0.141 5.04943  ? 102 I6W A C02  1 
HETATM 304 C C03  A I6W C 3 . ? 4.68308  -1.81703  7.37435   0.499 5.24425  ? 102 I6W A C03  1 
HETATM 305 C C03  B I6W C 3 . ? 4.49311  -2.34410  6.89363   0.359 6.30820  ? 102 I6W A C03  1 
HETATM 306 C C03  C I6W C 3 . ? 4.51524  -1.92123  7.24655   0.141 4.87303  ? 102 I6W A C03  1 
HETATM 307 C C04  A I6W C 3 . ? 5.59879  -1.17071  8.19447   0.499 5.47504  ? 102 I6W A C04  1 
HETATM 308 C C04  B I6W C 3 . ? 4.45019  -3.59087  6.29958   0.359 7.31814  ? 102 I6W A C04  1 
HETATM 309 C C04  C I6W C 3 . ? 4.59606  -3.11027  6.54362   0.141 5.12483  ? 102 I6W A C04  1 
HETATM 310 C C06  A I6W C 3 . ? 4.99758  -3.05495  6.85252   0.499 6.41041  ? 102 I6W A C06  1 
HETATM 311 C C06  B I6W C 3 . ? 5.59063  -2.00348  7.65228   0.359 6.78259  ? 102 I6W A C06  1 
HETATM 312 C C06  C I6W C 3 . ? 5.52473  -1.55721  8.11173   0.141 4.84002  ? 102 I6W A C06  1 
HETATM 313 C C11  A I6W C 3 . ? 10.53514 -3.55749  9.11863   0.499 7.52740  ? 102 I6W A C11  1 
HETATM 314 C C11  B I6W C 3 . ? 8.51324  -7.20421  6.99337   0.359 7.76886  ? 102 I6W A C11  1 
HETATM 315 C C11  C I6W C 3 . ? 8.84238  -6.54546  7.34574   0.141 5.60226  ? 102 I6W A C11  1 
HETATM 316 C C12  A I6W C 3 . ? 10.75545 -4.83583  8.64599   0.499 7.55199  ? 102 I6W A C12  1 
HETATM 317 C C12  B I6W C 3 . ? 9.72138  -6.78248  7.49347   0.359 7.60574  ? 102 I6W A C12  1 
HETATM 318 C C12  C I6W C 3 . ? 10.03433 -6.13169  7.90658   0.141 5.64835  ? 102 I6W A C12  1 
HETATM 319 C C13  A I6W C 3 . ? 12.08788 -5.56080  8.84411   0.499 8.53448  ? 102 I6W A C13  1 
HETATM 320 C C13  B I6W C 3 . ? 10.90220 -7.75617  7.57808   0.359 7.84838  ? 102 I6W A C13  1 
HETATM 321 C C13  C I6W C 3 . ? 11.28146 -7.04698  7.99845   0.141 6.20648  ? 102 I6W A C13  1 
HETATM 322 C C15  A I6W C 3 . ? 14.34547 -5.61966  9.54840   0.499 10.50563 ? 102 I6W A C15  1 
HETATM 323 C C15  B I6W C 3 . ? 13.19270 -7.96554  8.14203   0.359 8.17168  ? 102 I6W A C15  1 
HETATM 324 C C15  C I6W C 3 . ? 13.54795 -7.24761  8.71420   0.141 6.36595  ? 102 I6W A C15  1 
HETATM 325 C C16  A I6W C 3 . ? 15.40251 -4.63373  10.10742  0.499 11.12576 ? 102 I6W A C16  1 
HETATM 326 C C16  B I6W C 3 . ? 14.26133 -7.21995  8.98077   0.359 8.82051  ? 102 I6W A C16  1 
HETATM 327 C C16  C I6W C 3 . ? 14.16878 -7.92371  7.46825   0.141 6.97948  ? 102 I6W A C16  1 
HETATM 328 C C18  A I6W C 3 . ? 9.78713  -5.49749  7.95909   0.499 6.91826  ? 102 I6W A C18  1 
HETATM 329 C C18  B I6W C 3 . ? 9.88998  -5.49111  7.94290   0.359 7.52939  ? 102 I6W A C18  1 
HETATM 330 C C18  C I6W C 3 . ? 10.14607 -4.84227  8.36978   0.141 5.30980  ? 102 I6W A C18  1 
HETATM 331 C C19  A I6W C 3 . ? 8.59129  -4.89267  7.75075   0.499 6.07224  ? 102 I6W A C19  1 
HETATM 332 C C19  B I6W C 3 . ? 8.83845  -4.62550  7.86784   0.359 6.96272  ? 102 I6W A C19  1 
HETATM 333 C C19  C I6W C 3 . ? 9.05041  -3.99512  8.29277   0.141 4.94462  ? 102 I6W A C19  1 
HETATM 334 N N07  A I6W C 3 . ? 6.14677  -3.64130  7.15397   0.499 6.59274  ? 102 I6W A N07  1 
HETATM 335 N N07  B I6W C 3 . ? 6.59025  -2.88694  7.79901   0.359 6.95167  ? 102 I6W A N07  1 
HETATM 336 N N07  C I6W C 3 . ? 6.56879  -2.35972  8.26223   0.141 4.97268  ? 102 I6W A N07  1 
HETATM 337 O O01  A I6W C 3 . ? 2.66677  -1.70530  6.14099   0.499 5.12388  ? 102 I6W A O01  1 
HETATM 338 O O01  B I6W C 3 . ? 2.56727  -1.72417  5.74074   0.359 4.80712  ? 102 I6W A O01  1 
HETATM 339 O O01  C I6W C 3 . ? 2.55807  -1.34665  6.12442   0.141 5.35278  ? 102 I6W A O01  1 
HETATM 340 O O14  A I6W C 3 . ? 13.08892 -4.91128  9.56504   0.499 9.47115  ? 102 I6W A O14  1 
HETATM 341 O O14  B I6W C 3 . ? 12.00201 -7.18593  8.23150   0.359 7.97372  ? 102 I6W A O14  1 
HETATM 342 O O14  C I6W C 3 . ? 12.49561 -6.37815  8.29573   0.141 6.33493  ? 102 I6W A O14  1 
HETATM 343 O O17  A I6W C 3 . ? 12.24028 -6.60966  8.35673   0.499 8.68302  ? 102 I6W A O17  1 
HETATM 344 O O17  B I6W C 3 . ? 10.88150 -8.84920  7.14062   0.359 8.30647  ? 102 I6W A O17  1 
HETATM 345 O O17  C I6W C 3 . ? 11.24423 -8.20567  7.79239   0.141 6.40157  ? 102 I6W A O17  1 
HETATM 346 H H051 A I6W C 3 . ? 7.52055  -1.32482  9.09609   0.499 6.82606  ? 102 I6W A H051 1 
HETATM 347 H H051 B I6W C 3 . ? 5.48621  -5.42844  6.00985   0.359 8.82723  ? 102 I6W A H051 1 
HETATM 348 H H051 C I6W C 3 . ? 5.81454  -4.84047  6.20893   0.141 5.95786  ? 102 I6W A H051 1 
HETATM 349 H H041 A I6W C 3 . ? 5.37009  -0.16055  8.62070   0.499 6.57081  ? 102 I6W A H041 1 
HETATM 350 H H041 B I6W C 3 . ? 3.56785  -3.88619  5.67614   0.359 8.78253  ? 102 I6W A H041 1 
HETATM 351 H H041 C I6W C 3 . ? 3.78412  -3.41442  5.83465   0.141 6.15056  ? 102 I6W A H041 1 
HETATM 352 H H061 A I6W C 3 . ? 4.29669  -3.55270  6.18890   0.499 7.69325  ? 102 I6W A H061 1 
HETATM 353 H H061 B I6W C 3 . ? 5.64643  -1.02854  8.12745   0.359 8.13987  ? 102 I6W A H061 1 
HETATM 354 H H061 C I6W C 3 . ? 5.46486  -0.62368  8.66339   0.141 5.80878  ? 102 I6W A H061 1 
HETATM 355 H H111 A I6W C 3 . ? 11.29887 -3.03045  9.64129   0.499 9.03364  ? 102 I6W A H111 1 
HETATM 356 H H111 B I6W C 3 . ? 8.37793  -8.20873  6.66648   0.359 9.32340  ? 102 I6W A H111 1 
HETATM 357 H H111 C I6W C 3 . ? 8.74280  -7.53508  6.96501   0.141 6.72347  ? 102 I6W A H111 1 
HETATM 358 H H152 A I6W C 3 . ? 14.60012 -5.90785  8.53598   0.499 12.60752 ? 102 I6W A H152 1 
HETATM 359 H H152 B I6W C 3 . ? 13.51327 -8.04292  7.11046   0.359 9.80677  ? 102 I6W A H152 1 
HETATM 360 H H152 C I6W C 3 . ? 13.14948 -8.00586  9.37688   0.141 7.63990  ? 102 I6W A H152 1 
HETATM 361 H H151 A I6W C 3 . ? 14.28721 -6.50140  10.17451  0.499 12.60752 ? 102 I6W A H151 1 
HETATM 362 H H151 B I6W C 3 . ? 13.02337 -8.95592  8.54622   0.359 9.80677  ? 102 I6W A H151 1 
HETATM 363 H H151 C I6W C 3 . ? 14.30745 -6.67437  9.23134   0.141 7.63990  ? 102 I6W A H151 1 
HETATM 364 H H162 A I6W C 3 . ? 16.41039 -5.07741  10.00469  0.499 13.35168 ? 102 I6W A H162 1 
HETATM 365 H H162 B I6W C 3 . ? 13.92454 -7.15502  10.03224  0.359 10.58537 ? 102 I6W A H162 1 
HETATM 366 H H162 C I6W C 3 . ? 15.21638 -8.20421  7.68526   0.141 8.37613  ? 102 I6W A H162 1 
HETATM 367 H H163 A I6W C 3 . ? 15.19316 -4.43614  11.17531  0.499 13.35168 ? 102 I6W A H163 1 
HETATM 368 H H163 B I6W C 3 . ? 14.40279 -6.20093  8.57477   0.359 10.58537 ? 102 I6W A H163 1 
HETATM 369 H H163 C I6W C 3 . ? 14.14416 -7.21886  6.61630   0.141 8.37613  ? 102 I6W A H163 1 
HETATM 370 H H161 A I6W C 3 . ? 15.35717 -3.68509  9.54060   0.499 13.35168 ? 102 I6W A H161 1 
HETATM 371 H H161 B I6W C 3 . ? 15.21818 -7.77257  8.93300   0.359 10.58537 ? 102 I6W A H161 1 
HETATM 372 H H161 C I6W C 3 . ? 13.58880 -8.83050  7.21412   0.141 8.37613  ? 102 I6W A H161 1 
HETATM 373 H H181 A I6W C 3 . ? 9.96856  -6.50300  7.57945   0.499 8.30268  ? 102 I6W A H181 1 
HETATM 374 H H181 B I6W C 3 . ? 10.84664 -5.16567  8.35154   0.359 9.03603  ? 102 I6W A H181 1 
HETATM 375 H H181 C I6W C 3 . ? 11.08578 -4.48803  8.79354   0.141 6.37253  ? 102 I6W A H181 1 
HETATM 376 H H191 A I6W C 3 . ? 7.80695  -5.40358  7.19619   0.499 7.28745  ? 102 I6W A H191 1 
HETATM 377 H H191 B I6W C 3 . ? 8.93640  -3.59380  8.19910   0.359 8.35603  ? 102 I6W A H191 1 
HETATM 378 H H191 C I6W C 3 . ? 9.11570  -2.97454  8.66410   0.141 5.93431  ? 102 I6W A H191 1 
HETATM 379 C C1   A IPH D 4 . ? 5.94333  2.96719   -1.53196  0.568 5.41108  ? 103 IPH A C1   1 
HETATM 380 C C1   D IPH D 4 . ? 4.37283  4.60486   -1.14008  0.432 15.29377 ? 103 IPH A C1   1 
HETATM 381 C C2   A IPH D 4 . ? 5.47577  3.79444   -0.51205  0.568 5.97627  ? 103 IPH A C2   1 
HETATM 382 C C2   D IPH D 4 . ? 3.62427  3.99146   -2.13599  0.432 15.13896 ? 103 IPH A C2   1 
HETATM 383 C C3   A IPH D 4 . ? 4.21972  4.36196   -0.59976  0.568 5.96233  ? 103 IPH A C3   1 
HETATM 384 C C3   D IPH D 4 . ? 4.13613  2.88834   -2.80075  0.432 14.94540 ? 103 IPH A C3   1 
HETATM 385 C C4   A IPH D 4 . ? 3.42714  4.10784   -1.69792  0.568 5.37243  ? 103 IPH A C4   1 
HETATM 386 C C4   D IPH D 4 . ? 5.38814  2.39472   -2.46915  0.432 14.98637 ? 103 IPH A C4   1 
HETATM 387 C C5   A IPH D 4 . ? 3.88434  3.28003   -2.71050  0.568 5.19650  ? 103 IPH A C5   1 
HETATM 388 C C5   D IPH D 4 . ? 6.13347  3.00155   -1.46918  0.432 15.06473 ? 103 IPH A C5   1 
HETATM 389 C C6   A IPH D 4 . ? 5.12964  2.68493   -2.63539  0.568 5.14457  ? 103 IPH A C6   1 
HETATM 390 C C6   D IPH D 4 . ? 5.62799  4.11300   -0.80724  0.432 15.18368 ? 103 IPH A C6   1 
HETATM 391 O O1   A IPH D 4 . ? 7.21196  2.44632   -1.40356  0.568 6.37323  ? 103 IPH A O1   1 
HETATM 392 O O1   D IPH D 4 . ? 3.86782  5.69793   -0.48828  0.432 15.76400 ? 103 IPH A O1   1 
HETATM 393 H H2   A IPH D 4 . ? 6.10302  3.99388   0.35678   0.568 7.17229  ? 103 IPH A H2   1 
HETATM 394 H H2   D IPH D 4 . ? 2.63761  4.37622   -2.39396  0.432 18.16752 ? 103 IPH A H2   1 
HETATM 395 H H3   A IPH D 4 . ? 3.85612  5.00955   0.19806   0.568 7.15556  ? 103 IPH A H3   1 
HETATM 396 H H3   D IPH D 4 . ? 3.55276  2.40783   -3.58618  0.432 17.93524 ? 103 IPH A H3   1 
HETATM 397 H H4   A IPH D 4 . ? 2.43769  4.55934   -1.77019  0.568 6.44768  ? 103 IPH A H4   1 
HETATM 398 H H4   D IPH D 4 . ? 5.78781  1.52782   -2.99533  0.432 17.98441 ? 103 IPH A H4   1 
HETATM 399 H H5   A IPH D 4 . ? 3.25257  3.09528   -3.57932  0.568 6.23656  ? 103 IPH A H5   1 
HETATM 400 H H5   D IPH D 4 . ? 7.11412  2.60691   -1.20331  0.432 18.07844 ? 103 IPH A H5   1 
HETATM 401 H H6   A IPH D 4 . ? 5.47119  2.00941   -3.41969  0.568 6.17425  ? 103 IPH A H6   1 
HETATM 402 H H6   D IPH D 4 . ? 6.21550  4.59831   -0.02787  0.432 18.22117 ? 103 IPH A H6   1 
HETATM 403 H HO1  A IPH D 4 . ? 7.39917  1.85207   -2.16667  0.568 7.64863  ? 103 IPH A HO1  1 
HETATM 404 H HO1  D IPH D 4 . ? 4.44165  5.92339   0.27389   0.432 18.91756 ? 103 IPH A HO1  1 
HETATM 405 O O    A HOH E 5 . ? 2.80353  -1.41280  -4.11887  0.622 38.61186 ? 201 HOH A O    1 
HETATM 406 O O    B HOH E 5 . ? 2.55430  -0.17048  -4.86045  0.378 17.03407 ? 201 HOH A O    1 
HETATM 407 O O    A HOH E 5 . ? 1.93096  -3.89070  -0.77029  0.580 11.26977 ? 202 HOH A O    1 
HETATM 408 O O    B HOH E 5 . ? 1.60519  -4.52326  0.00820   0.420 11.67989 ? 202 HOH A O    1 
HETATM 409 O O    . HOH E 5 . ? 1.76530  -4.42367  6.00387   1.000 17.54282 ? 203 HOH A O    1 
HETATM 410 O O    . HOH E 5 . ? -5.28352 2.61022   -6.86858  1.000 9.17282  ? 204 HOH A O    1 
HETATM 411 O O    . HOH E 5 . ? 3.11823  -2.82511  -2.88162  1.000 49.01823 ? 205 HOH A O    1 
HETATM 412 O O    A HOH E 5 . ? 4.70311  -1.30724  -6.19057  0.428 27.05997 ? 206 HOH A O    1 
HETATM 413 O O    B HOH E 5 . ? 5.39251  -0.69013  -4.38140  0.307 19.38639 ? 206 HOH A O    1 
HETATM 414 O O    C HOH E 5 . ? 4.24625  -0.61354  -4.74116  0.265 20.15216 ? 206 HOH A O    1 
HETATM 415 O O    . HOH E 5 . ? 5.63738  -5.93883  3.82137   1.000 46.37078 ? 207 HOH A O    1 
HETATM 416 O O    A HOH E 5 . ? -1.65641 -6.89592  3.02423   0.587 12.39895 ? 208 HOH A O    1 
HETATM 417 O O    B HOH E 5 . ? -2.16479 -6.59509  4.34421   0.413 24.77012 ? 208 HOH A O    1 
HETATM 418 O O    A HOH E 5 . ? 6.89085  -3.54189  -6.82100  0.603 33.22920 ? 209 HOH A O    1 
HETATM 419 O O    B HOH E 5 . ? 5.53792  -2.21168  -7.63086  0.397 23.39919 ? 209 HOH A O    1 
HETATM 420 O O    . HOH E 5 . ? 2.54063  -4.80154  8.57422   1.000 20.77739 ? 210 HOH A O    1 
HETATM 421 O O    A HOH E 5 . ? 4.86639  -2.02948  -3.65329  0.509 43.83336 ? 211 HOH A O    1 
HETATM 422 O O    B HOH E 5 . ? 5.61612  -2.00961  -2.42786  0.491 44.17913 ? 211 HOH A O    1 
HETATM 423 O O    . HOH E 5 . ? 6.68489  -4.04936  -4.13777  1.000 72.34751 ? 212 HOH A O    1 
HETATM 424 O O    A HOH E 5 . ? 7.10215  -7.63991  6.25503   0.568 53.16432 ? 213 HOH A O    1 
HETATM 425 O O    B HOH E 5 . ? 10.15905 -1.75722  8.99423   0.432 18.25036 ? 213 HOH A O    1 
HETATM 426 O O    A HOH E 5 . ? -0.07210 -6.70585  0.81202   0.443 11.53411 ? 214 HOH A O    1 
HETATM 427 O O    B HOH E 5 . ? 0.41893  -6.11185  -0.10139  0.360 10.23496 ? 214 HOH A O    1 
HETATM 428 O O    C HOH E 5 . ? -0.45759 -6.83982  1.90918   0.197 11.58729 ? 214 HOH A O    1 
HETATM 429 O O    A HOH E 5 . ? 1.29675  -5.67069  -2.48692  0.375 15.00403 ? 215 HOH A O    1 
HETATM 430 O O    B HOH E 5 . ? 1.75128  -4.53821  -2.83336  0.375 23.37123 ? 215 HOH A O    1 
HETATM 431 O O    C HOH E 5 . ? 1.80774  -3.74214  -3.92537  0.249 12.07582 ? 215 HOH A O    1 
HETATM 432 O O    . HOH E 5 . ? 9.20850  -1.62557  -2.16567  1.000 39.96449 ? 216 HOH A O    1 
HETATM 433 O O    A HOH E 5 . ? 4.00522  -5.85939  0.85178   0.521 36.06947 ? 217 HOH A O    1 
HETATM 434 O O    B HOH E 5 . ? 1.87139  -6.34385  1.49907   0.479 35.37501 ? 217 HOH A O    1 
HETATM 435 O O    . HOH E 5 . ? -4.69418 5.14749   -4.50746  1.000 87.24019 ? 218 HOH A O    1 
HETATM 436 O O    A HOH E 5 . ? 6.64460  -4.51732  -0.34879  0.643 35.26882 ? 219 HOH A O    1 
HETATM 437 O O    B HOH E 5 . ? 6.50734  -5.18205  1.55289   0.357 20.35073 ? 219 HOH A O    1 
HETATM 438 O O    A HOH E 5 . ? 8.51858  -1.45681  -6.50428  0.521 40.36988 ? 220 HOH A O    1 
HETATM 439 O O    B HOH E 5 . ? 7.42401  -1.34959  -7.56125  0.479 26.95328 ? 220 HOH A O    1 
HETATM 440 O O    . HOH E 5 . ? 8.56230  -3.51476  -10.75852 1.000 59.90020 ? 221 HOH A O    1 
# 
loop_
_atom_site_anisotrop.id 
_atom_site_anisotrop.type_symbol 
_atom_site_anisotrop.pdbx_label_atom_id 
_atom_site_anisotrop.pdbx_label_alt_id 
_atom_site_anisotrop.pdbx_label_comp_id 
_atom_site_anisotrop.pdbx_label_asym_id 
_atom_site_anisotrop.pdbx_label_seq_id 
_atom_site_anisotrop.pdbx_PDB_ins_code 
_atom_site_anisotrop.U[1][1] 
_atom_site_anisotrop.U[2][2] 
_atom_site_anisotrop.U[3][3] 
_atom_site_anisotrop.U[1][2] 
_atom_site_anisotrop.U[1][3] 
_atom_site_anisotrop.U[2][3] 
_atom_site_anisotrop.pdbx_auth_seq_id 
_atom_site_anisotrop.pdbx_auth_comp_id 
_atom_site_anisotrop.pdbx_auth_asym_id 
_atom_site_anisotrop.pdbx_auth_atom_id 
1   N N   A LEU A 1 ? 0.06012 0.04629 0.07935 0.00546  0.00574  0.00016  2   LEU A N   
2   N N   B LEU A 1 ? 0.04228 0.07679 0.06327 0.00780  -0.01209 0.01415  2   LEU A N   
3   C CA  A LEU A 1 ? 0.04755 0.05152 0.07635 0.00500  0.00330  -0.00365 2   LEU A CA  
4   C CA  B LEU A 1 ? 0.05051 0.06631 0.05729 0.00082  -0.00726 0.00336  2   LEU A CA  
5   C C   A LEU A 1 ? 0.04238 0.04979 0.06659 0.00841  -0.00182 -0.00774 2   LEU A C   
6   C C   B LEU A 1 ? 0.05060 0.05876 0.06493 0.00669  -0.00699 0.00010  2   LEU A C   
7   O O   A LEU A 1 ? 0.03087 0.04925 0.06367 0.00619  -0.00244 -0.00923 2   LEU A O   
8   O O   B LEU A 1 ? 0.05047 0.05571 0.07315 0.00823  -0.00792 -0.00048 2   LEU A O   
9   C CB  A LEU A 1 ? 0.05985 0.05438 0.07566 0.00929  0.00388  -0.00703 2   LEU A CB  
10  C CB  B LEU A 1 ? 0.06525 0.06670 0.05316 -0.00364 -0.00570 0.00486  2   LEU A CB  
11  C CG  A LEU A 1 ? 0.06022 0.06109 0.07978 0.01328  0.00480  -0.01262 2   LEU A CG  
12  C CG  B LEU A 1 ? 0.09059 0.06040 0.05950 -0.00259 -0.00025 -0.00516 2   LEU A CG  
13  C CD1 A LEU A 1 ? 0.05969 0.06497 0.08747 0.01293  0.01208  -0.01404 2   LEU A CD1 
14  C CD1 B LEU A 1 ? 0.09439 0.05840 0.07827 -0.00014 0.00076  -0.00733 2   LEU A CD1 
15  C CD2 A LEU A 1 ? 0.06752 0.06535 0.08685 0.02009  -0.00122 -0.01548 2   LEU A CD2 
16  C CD2 B LEU A 1 ? 0.10488 0.06784 0.07590 -0.00122 0.00185  -0.01242 2   LEU A CD2 
39  N N   A AIB A 2 ? 0.04145 0.04558 0.07138 0.00449  -0.00331 -0.00135 3   AIB A N   
40  N N   B AIB A 2 ? 0.04458 0.05463 0.06439 0.00527  -0.00785 0.00421  3   AIB A N   
41  C CA  A AIB A 2 ? 0.04230 0.05033 0.07049 0.00536  -0.01033 0.00541  3   AIB A CA  
42  C CA  B AIB A 2 ? 0.04446 0.05735 0.07749 0.00106  -0.01350 0.00638  3   AIB A CA  
43  C C   A AIB A 2 ? 0.03465 0.05511 0.06254 0.00499  -0.00231 0.00465  3   AIB A C   
44  C C   B AIB A 2 ? 0.04491 0.06048 0.07085 0.00619  -0.00899 0.00645  3   AIB A C   
45  O O   A AIB A 2 ? 0.04411 0.05504 0.06430 0.00198  -0.00561 0.00511  3   AIB A O   
46  O O   B AIB A 2 ? 0.05522 0.06187 0.07700 0.00543  -0.01166 0.00844  3   AIB A O   
47  C CB1 A AIB A 2 ? 0.05529 0.04454 0.08350 0.00739  -0.01815 0.00290  3   AIB A CB1 
48  C CB1 B AIB A 2 ? 0.04577 0.05958 0.08318 -0.00011 -0.02024 0.00638  3   AIB A CB1 
49  C CB2 A AIB A 2 ? 0.04948 0.05441 0.07187 0.00684  -0.00435 0.00922  3   AIB A CB2 
50  C CB2 B AIB A 2 ? 0.04236 0.05214 0.08079 -0.00649 -0.01362 0.01367  3   AIB A CB2 
65  N N   . ALA A 3 ? 0.04228 0.06102 0.06553 0.01214  -0.00257 0.00269  4   ALA A N   
66  C CA  . ALA A 3 ? 0.05085 0.06203 0.07664 0.01805  0.00339  -0.00433 4   ALA A CA  
67  C C   . ALA A 3 ? 0.05608 0.04719 0.06776 0.01114  -0.00297 -0.00107 4   ALA A C   
68  O O   . ALA A 3 ? 0.06593 0.05850 0.06865 0.01070  -0.00379 -0.00636 4   ALA A O   
69  C CB  . ALA A 3 ? 0.06860 0.07284 0.10114 0.03160  -0.00324 -0.01162 4   ALA A CB  
75  N N   . AIB A 4 ? 0.05599 0.04394 0.06484 0.00605  -0.00255 0.00167  5   AIB A N   
76  C CA  . AIB A 4 ? 0.05860 0.05127 0.07167 -0.00522 -0.00526 0.00297  5   AIB A CA  
77  C C   . AIB A 4 ? 0.05865 0.05768 0.06285 -0.00279 -0.00944 -0.00295 5   AIB A C   
78  O O   . AIB A 4 ? 0.07845 0.07035 0.09499 -0.01130 -0.03157 -0.00163 5   AIB A O   
79  C CB1 . AIB A 4 ? 0.07932 0.04916 0.09125 -0.00673 -0.01112 0.00199  5   AIB A CB1 
80  C CB2 . AIB A 4 ? 0.06075 0.06753 0.06969 -0.00580 -0.00350 0.00930  5   AIB A CB2 
88  N N   . LEU A 5 ? 0.04167 0.05186 0.07066 0.00457  -0.00155 -0.00370 6   LEU A N   
89  C CA  . LEU A 5 ? 0.04498 0.05820 0.08368 0.01186  -0.00667 -0.00217 6   LEU A CA  
90  C C   . LEU A 5 ? 0.04631 0.05552 0.07699 0.00802  -0.01270 0.00843  6   LEU A C   
91  O O   . LEU A 5 ? 0.04972 0.06625 0.08238 0.01119  -0.01848 0.01017  6   LEU A O   
92  C CB  . LEU A 5 ? 0.06067 0.06023 0.09955 0.02431  -0.01675 -0.00554 6   LEU A CB  
93  C CG  . LEU A 5 ? 0.09842 0.07442 0.10751 0.04038  -0.01093 -0.01663 6   LEU A CG  
94  C CD1 . LEU A 5 ? 0.10486 0.08340 0.12686 0.04283  -0.02150 -0.03382 6   LEU A CD1 
95  C CD2 . LEU A 5 ? 0.11937 0.08755 0.12462 0.03642  0.01628  -0.01418 6   LEU A CD2 
107 N N   A AIB A 6 ? 0.04340 0.05501 0.07535 -0.00141 -0.01443 0.01039  7   AIB A N   
108 N N   B AIB A 6 ? 0.04985 0.05454 0.06555 0.00343  -0.01208 0.00263  7   AIB A N   
109 C CA  A AIB A 6 ? 0.03932 0.06408 0.07664 -0.00542 -0.01148 0.01917  7   AIB A CA  
110 C CA  B AIB A 6 ? 0.05072 0.06653 0.07128 0.00277  -0.00806 0.01300  7   AIB A CA  
111 C C   A AIB A 6 ? 0.04268 0.06059 0.06221 -0.00055 -0.00062 0.01389  7   AIB A C   
112 C C   B AIB A 6 ? 0.05350 0.05924 0.06824 0.00316  -0.00004 0.01072  7   AIB A C   
113 O O   A AIB A 6 ? 0.04884 0.06473 0.05649 -0.00213 0.01184  0.01229  7   AIB A O   
114 O O   B AIB A 6 ? 0.06420 0.05941 0.07741 0.00037  0.00787  0.00990  7   AIB A O   
115 C CB1 A AIB A 6 ? 0.04998 0.06008 0.08422 -0.00993 -0.01569 0.02457  7   AIB A CB1 
116 C CB1 B AIB A 6 ? 0.05184 0.06539 0.07736 -0.00272 -0.00848 0.01180  7   AIB A CB1 
117 C CB2 A AIB A 6 ? 0.03390 0.08169 0.07313 -0.00372 -0.00833 0.02395  7   AIB A CB2 
118 C CB2 B AIB A 6 ? 0.05969 0.07610 0.07296 0.00347  -0.00379 0.02241  7   AIB A CB2 
133 N N   A GLN A 7 ? 0.04496 0.06117 0.05563 0.00459  -0.00479 0.01201  8   GLN A N   
134 N N   B GLN A 7 ? 0.05175 0.05264 0.06137 0.00188  -0.00067 0.01367  8   GLN A N   
135 C CA  A GLN A 7 ? 0.03926 0.05861 0.05166 0.01024  0.00594  0.01065  8   GLN A CA  
136 C CA  B GLN A 7 ? 0.04789 0.04685 0.05763 0.00389  0.00413  0.01121  8   GLN A CA  
137 C C   A GLN A 7 ? 0.03905 0.05727 0.03927 0.01526  0.01232  0.00405  8   GLN A C   
138 C C   B GLN A 7 ? 0.05554 0.04365 0.04581 0.00481  0.00798  0.00938  8   GLN A C   
139 O O   A GLN A 7 ? 0.04883 0.05842 0.04552 0.01836  0.00998  0.00651  8   GLN A O   
140 O O   B GLN A 7 ? 0.06784 0.04082 0.03961 0.00731  0.01272  0.00893  8   GLN A O   
141 C CB  A GLN A 7 ? 0.04339 0.05991 0.05422 0.01010  0.00276  0.00972  8   GLN A CB  
142 C CB  B GLN A 7 ? 0.04481 0.04434 0.05113 0.00374  -0.00264 0.01542  8   GLN A CB  
143 C CG  A GLN A 7 ? 0.04479 0.06351 0.04453 0.00855  -0.00947 0.00344  8   GLN A CG  
144 C CG  B GLN A 7 ? 0.03582 0.04846 0.03626 0.00289  -0.00483 0.00589  8   GLN A CG  
145 C CD  A GLN A 7 ? 0.03669 0.06778 0.04553 0.00335  -0.00288 0.00341  8   GLN A CD  
146 C CD  B GLN A 7 ? 0.02973 0.04866 0.04378 0.00284  -0.00129 0.00561  8   GLN A CD  
147 O OE1 A GLN A 7 ? 0.05460 0.06582 0.05300 0.00378  0.00715  -0.00005 8   GLN A OE1 
148 O OE1 B GLN A 7 ? 0.04839 0.04413 0.04512 0.00428  -0.00032 0.00614  8   GLN A OE1 
149 N NE2 A GLN A 7 ? 0.04878 0.06044 0.05366 -0.00145 0.00184  0.00364  8   GLN A NE2 
150 N NE2 B GLN A 7 ? 0.04540 0.04910 0.04664 0.00152  0.00619  0.00076  8   GLN A NE2 
167 N N   A AIB A 8 ? 0.03426 0.05004 0.04110 0.01678  0.01217  0.00317  9   AIB A N   
168 N N   B AIB A 8 ? 0.06323 0.05035 0.05337 0.00992  0.00154  0.00494  9   AIB A N   
169 C CA  A AIB A 8 ? 0.03867 0.05112 0.04501 0.02114  0.00585  -0.00034 9   AIB A CA  
170 C CA  B AIB A 8 ? 0.06066 0.06018 0.06485 0.01252  0.00059  0.00273  9   AIB A CA  
171 C C   A AIB A 8 ? 0.05463 0.05647 0.04509 0.02279  0.00569  0.00840  9   AIB A C   
172 C C   B AIB A 8 ? 0.07089 0.06784 0.05566 0.01781  0.00301  0.00679  9   AIB A C   
173 O O   A AIB A 8 ? 0.05947 0.08570 0.05417 0.01919  0.00232  0.01098  9   AIB A O   
174 O O   B AIB A 8 ? 0.07577 0.09937 0.06008 0.01994  -0.00225 0.00519  9   AIB A O   
175 C CB1 A AIB A 8 ? 0.03586 0.05513 0.05649 0.02300  -0.00136 -0.00786 9   AIB A CB1 
176 C CB1 B AIB A 8 ? 0.05964 0.06606 0.07079 0.01420  -0.00266 -0.00125 9   AIB A CB1 
177 C CB2 A AIB A 8 ? 0.03923 0.04758 0.04958 0.02123  -0.00075 -0.00215 9   AIB A CB2 
178 C CB2 B AIB A 8 ? 0.05053 0.06150 0.08881 0.00881  0.00383  0.00112  9   AIB A CB2 
193 N N   A LEU A 9 ? 0.06350 0.05990 0.04569 0.03086  0.01483  0.01486  10  LEU A N   
194 N N   B LEU A 9 ? 0.06767 0.06138 0.05381 0.01946  0.01677  0.00974  10  LEU A N   
195 C CA  A LEU A 9 ? 0.06656 0.06146 0.05698 0.02421  0.01624  0.01953  10  LEU A CA  
196 C CA  B LEU A 9 ? 0.08085 0.05767 0.05230 0.01952  0.02033  0.01575  10  LEU A CA  
197 C C   A LEU A 9 ? 0.06810 0.06263 0.05690 0.02023  0.01958  0.01662  10  LEU A C   
198 C C   B LEU A 9 ? 0.07573 0.06196 0.05971 0.01672  0.02353  0.01777  10  LEU A C   
199 O O   A LEU A 9 ? 0.07727 0.06163 0.05974 0.01555  0.02509  0.01080  10  LEU A O   
200 O O   B LEU A 9 ? 0.08868 0.07293 0.08254 0.01676  0.03488  0.01272  10  LEU A O   
201 C CB  A LEU A 9 ? 0.06769 0.07302 0.06366 0.02063  0.01754  0.02259  10  LEU A CB  
202 C CB  B LEU A 9 ? 0.08034 0.06275 0.05054 0.02060  0.01912  0.00910  10  LEU A CB  
203 C CG  A LEU A 9 ? 0.06804 0.07150 0.07478 0.01999  -0.00138 0.02609  10  LEU A CG  
204 C CG  B LEU A 9 ? 0.09654 0.06067 0.08272 0.02361  0.01306  0.00557  10  LEU A CG  
205 C CD1 A LEU A 9 ? 0.07383 0.07688 0.09200 0.01731  0.00791  0.02030  10  LEU A CD1 
206 C CD1 B LEU A 9 ? 0.10108 0.05716 0.09025 0.02344  0.01306  0.00017  10  LEU A CD1 
207 C CD2 A LEU A 9 ? 0.09359 0.06715 0.08285 0.02722  -0.00822 0.02038  10  LEU A CD2 
208 C CD2 B LEU A 9 ? 0.10186 0.06601 0.08456 0.02435  0.00818  0.00367  10  LEU A CD2 
231 C C11 A I77 B . ? 0.07905 0.09193 0.09196 0.03001  0.01685  0.01060  101 I77 A C11 
232 C C11 B I77 B . ? 0.09450 0.08545 0.09641 0.02854  0.01443  0.01093  101 I77 A C11 
233 C C12 A I77 B . ? 0.07169 0.08375 0.08026 0.02808  0.01634  0.01199  101 I77 A C12 
234 C C12 B I77 B . ? 0.08244 0.08072 0.08750 0.02293  0.01987  0.00729  101 I77 A C12 
235 C C13 A I77 B . ? 0.07809 0.08367 0.08977 0.03101  0.01340  -0.00015 101 I77 A C13 
236 C C13 B I77 B . ? 0.07552 0.08035 0.08204 0.02417  0.01866  -0.00030 101 I77 A C13 
237 C C17 A I77 B . ? 0.06462 0.07289 0.07453 0.02756  0.02033  0.02033  101 I77 A C17 
238 C C17 B I77 B . ? 0.08437 0.07758 0.08364 0.02392  0.02288  0.01385  101 I77 A C17 
239 C C18 A I77 B . ? 0.05905 0.07432 0.07045 0.03381  0.02167  0.02545  101 I77 A C18 
240 C C18 B I77 B . ? 0.08421 0.06710 0.08338 0.02248  0.02350  0.01679  101 I77 A C18 
241 C C02 A I77 B . ? 0.05759 0.08405 0.06230 0.03724  0.00766  0.01372  101 I77 A C02 
242 C C02 B I77 B . ? 0.04413 0.05481 0.05622 0.01246  0.00540  0.00718  101 I77 A C02 
243 C C03 A I77 B . ? 0.06089 0.08750 0.07218 0.03606  0.01477  0.02251  101 I77 A C03 
244 C C03 B I77 B . ? 0.05103 0.05821 0.05562 0.01904  0.00929  0.01546  101 I77 A C03 
245 C C04 A I77 B . ? 0.07714 0.07935 0.09157 0.03398  0.01896  0.01773  101 I77 A C04 
246 C C04 B I77 B . ? 0.06133 0.06026 0.06995 0.02594  0.00508  0.01243  101 I77 A C04 
247 C C05 A I77 B . ? 0.08217 0.07734 0.08123 0.03879  0.01562  0.01802  101 I77 A C05 
248 C C05 B I77 B . ? 0.06516 0.05724 0.07962 0.02469  0.00945  0.01592  101 I77 A C05 
249 C C06 A I77 B . ? 0.06208 0.09996 0.07629 0.04160  0.01010  0.02418  101 I77 A C06 
250 C C06 B I77 B . ? 0.05849 0.06720 0.06634 0.02586  0.01015  0.02000  101 I77 A C06 
251 C C08 A I77 B . ? 0.07483 0.08734 0.06678 0.04133  0.02107  0.02286  101 I77 A C08 
252 C C08 B I77 B . ? 0.06611 0.06641 0.08040 0.02366  0.01738  0.02240  101 I77 A C08 
253 C C09 A I77 B . ? 0.06889 0.08206 0.07182 0.03779  0.02270  0.02275  101 I77 A C09 
254 C C09 B I77 B . ? 0.07928 0.06896 0.08626 0.02219  0.02204  0.01783  101 I77 A C09 
255 N N01 A I77 B . ? 0.05604 0.08987 0.07826 0.03788  0.01430  0.00395  101 I77 A N01 
256 N N01 B I77 B . ? 0.03809 0.05843 0.07178 0.00666  0.00704  0.00092  101 I77 A N01 
257 N N07 A I77 B . ? 0.06958 0.09631 0.08020 0.04294  0.01522  0.02585  101 I77 A N07 
258 N N07 B I77 B . ? 0.06203 0.07043 0.08327 0.02387  0.01726  0.02328  101 I77 A N07 
259 N N10 A I77 B . ? 0.07661 0.09374 0.08942 0.03333  0.00692  0.01534  101 I77 A N10 
260 N N10 B I77 B . ? 0.09475 0.08320 0.09676 0.02525  0.01560  0.01428  101 I77 A N10 
261 N N14 A I77 B . ? 0.07471 0.06880 0.06717 0.02873  0.01651  0.01180  101 I77 A N14 
262 N N14 B I77 B . ? 0.07711 0.07314 0.06651 0.02775  0.01765  0.01005  101 I77 A N14 
263 N N15 A I77 B . ? 0.08017 0.06431 0.06107 0.02775  0.02354  0.01206  101 I77 A N15 
264 N N15 B I77 B . ? 0.08118 0.06458 0.06202 0.02738  0.02327  0.01530  101 I77 A N15 
265 O O16 A I77 B . ? 0.08653 0.09559 0.11824 0.03663  0.00469  -0.01229 101 I77 A O16 
266 O O16 B I77 B . ? 0.07680 0.08984 0.09620 0.02709  0.00873  -0.00767 101 I77 A O16 
267 O O19 A I77 B . ? 0.06583 0.08419 0.07140 0.03752  0.00310  0.01082  101 I77 A O19 
268 O O19 B I77 B . ? 0.04424 0.06449 0.05383 0.01681  -0.00035 0.00139  101 I77 A O19 
289 C C05 A I6W C . ? 0.06836 0.07999 0.06776 0.02024  0.00675  0.01546  102 I6W A C05 
290 C C05 B I6W C . ? 0.07793 0.11024 0.09130 0.03962  0.00627  0.02246  102 I6W A C05 
291 C C05 C I6W C . ? 0.06476 0.06877 0.05510 0.02777  -0.01566 0.01428  102 I6W A C05 
292 C C08 A I6W C . ? 0.06860 0.08454 0.06698 0.01706  0.01712  0.02187  102 I6W A C08 
293 C C08 B I6W C . ? 0.07204 0.11180 0.08492 0.03730  0.01350  0.03247  102 I6W A C08 
294 C C08 C I6W C . ? 0.06658 0.06620 0.05057 0.02742  -0.01063 0.01790  102 I6W A C08 
295 C C09 A I6W C . ? 0.06956 0.09676 0.06575 0.01494  0.01519  0.02772  102 I6W A C09 
296 C C09 B I6W C . ? 0.06992 0.11654 0.08262 0.04045  0.01414  0.04401  102 I6W A C09 
297 C C09 C I6W C . ? 0.06698 0.07021 0.05217 0.03054  -0.00218 0.02008  102 I6W A C09 
298 N N10 A I6W C . ? 0.08555 0.10686 0.08783 0.01361  0.01113  0.02488  102 I6W A N10 
299 N N10 B I6W C . ? 0.08323 0.12157 0.09238 0.03916  0.01403  0.04190  102 I6W A N10 
300 N N10 C I6W C . ? 0.07644 0.07033 0.06376 0.02974  0.00436  0.01685  102 I6W A N10 
301 C C02 A I6W C . ? 0.06156 0.05341 0.07660 0.00958  0.01435  0.00662  102 I6W A C02 
302 C C02 B I6W C . ? 0.04903 0.08241 0.06430 0.01495  0.00039  0.01605  102 I6W A C02 
303 C C02 C I6W C . ? 0.07514 0.05796 0.05875 0.02040  -0.01018 0.02007  102 I6W A C02 
304 C C03 A I6W C . ? 0.06149 0.06765 0.07010 0.01522  0.01554  0.01589  102 I6W A C03 
305 C C03 B I6W C . ? 0.06426 0.09660 0.07882 0.02600  0.00530  0.01892  102 I6W A C03 
306 C C03 C I6W C . ? 0.06843 0.06144 0.05530 0.02305  -0.01092 0.01864  102 I6W A C03 
307 C C04 A I6W C . ? 0.06372 0.07658 0.06773 0.01898  0.00971  0.01544  102 I6W A C04 
308 C C04 B I6W C . ? 0.07833 0.10479 0.09494 0.03412  0.00523  0.01580  102 I6W A C04 
309 C C04 C I6W C . ? 0.06987 0.06870 0.05616 0.02660  -0.01746 0.01166  102 I6W A C04 
310 C C06 A I6W C . ? 0.06832 0.07769 0.09755 0.02182  0.00673  0.01389  102 I6W A C06 
311 C C06 B I6W C . ? 0.06419 0.10891 0.08462 0.02945  0.01015  0.02214  102 I6W A C06 
312 C C06 C I6W C . ? 0.06745 0.05693 0.05952 0.02376  -0.00727 0.01847  102 I6W A C06 
313 C C11 A I6W C . ? 0.08498 0.11183 0.08920 0.01556  0.00567  0.03033  102 I6W A C11 
314 C C11 B I6W C . ? 0.08001 0.12550 0.08967 0.04120  0.01471  0.04450  102 I6W A C11 
315 C C11 C I6W C . ? 0.07772 0.06855 0.06659 0.03037  0.00947  0.02118  102 I6W A C11 
316 C C12 A I6W C . ? 0.08346 0.11784 0.08565 0.01726  0.01230  0.03446  102 I6W A C12 
317 C C12 B I6W C . ? 0.07940 0.12498 0.08461 0.04037  0.01890  0.05022  102 I6W A C12 
318 C C12 C I6W C . ? 0.07755 0.06943 0.06763 0.03234  0.01121  0.02615  102 I6W A C12 
319 C C13 A I6W C . ? 0.09286 0.12510 0.10632 0.01877  0.01189  0.04298  102 I6W A C13 
320 C C13 B I6W C . ? 0.07607 0.13378 0.08835 0.04428  0.01650  0.05079  102 I6W A C13 
321 C C13 C I6W C . ? 0.08045 0.07702 0.07834 0.03472  0.01554  0.02823  102 I6W A C13 
322 C C15 A I6W C . ? 0.12716 0.13547 0.13654 0.02605  -0.00453 0.03831  102 I6W A C15 
323 C C15 B I6W C . ? 0.07430 0.14386 0.09232 0.04099  0.01655  0.05712  102 I6W A C15 
324 C C15 C I6W C . ? 0.08141 0.08039 0.08008 0.03950  0.01583  0.02947  102 I6W A C15 
325 C C16 A I6W C . ? 0.13820 0.13878 0.14575 0.02831  -0.00429 0.03326  102 I6W A C16 
326 C C16 B I6W C . ? 0.07995 0.15363 0.10156 0.04858  0.01586  0.05300  102 I6W A C16 
327 C C16 C I6W C . ? 0.08939 0.08386 0.09193 0.04184  0.01170  0.02691  102 I6W A C16 
328 C C18 A I6W C . ? 0.07405 0.11352 0.07529 0.01761  0.01315  0.02793  102 I6W A C18 
329 C C18 B I6W C . ? 0.07506 0.12377 0.08726 0.04012  0.01924  0.04618  102 I6W A C18 
330 C C18 C I6W C . ? 0.07023 0.06958 0.06194 0.03149  0.00930  0.02528  102 I6W A C18 
331 C C19 A I6W C . ? 0.06293 0.09900 0.06879 0.01205  0.01564  0.02746  102 I6W A C19 
332 C C19 B I6W C . ? 0.06249 0.11844 0.08362 0.03767  0.01657  0.04611  102 I6W A C19 
333 C C19 C I6W C . ? 0.06344 0.06957 0.05487 0.03037  0.00456  0.02220  102 I6W A C19 
334 N N07 A I6W C . ? 0.07919 0.08228 0.08902 0.02117  0.01280  0.01377  102 I6W A N07 
335 N N07 B I6W C . ? 0.06977 0.11206 0.08231 0.03311  0.01181  0.02463  102 I6W A N07 
336 N N07 C I6W C . ? 0.06929 0.06197 0.05770 0.02612  -0.00803 0.01842  102 I6W A N07 
337 O O01 A I6W C . ? 0.07374 0.03867 0.08226 0.01635  0.01172  0.00082  102 I6W A O01 
338 O O01 B I6W C . ? 0.04688 0.07179 0.06397 0.01165  -0.00451 0.01490  102 I6W A O01 
339 O O01 C I6W C . ? 0.08311 0.05594 0.06433 0.02007  -0.00787 0.01950  102 I6W A O01 
340 O O14 A I6W C . ? 0.10409 0.12727 0.12850 0.02207  -0.00289 0.04336  102 I6W A O14 
341 O O14 B I6W C . ? 0.07194 0.13887 0.09216 0.04288  0.02074  0.05537  102 I6W A O14 
342 O O14 C I6W C . ? 0.07936 0.07911 0.08223 0.03750  0.01542  0.03123  102 I6W A O14 
343 O O17 A I6W C . ? 0.09465 0.12380 0.11147 0.01937  0.02115  0.05164  102 I6W A O17 
344 O O17 B I6W C . ? 0.07268 0.13811 0.10482 0.04530  0.00985  0.04436  102 I6W A O17 
345 O O17 C I6W C . ? 0.08132 0.08261 0.07930 0.03705  0.01756  0.02353  102 I6W A O17 
379 C C1  A IPH D . ? 0.05643 0.07242 0.07674 0.01383  -0.00543 0.00902  103 IPH A C1  
380 C C1  D IPH D . ? 0.25157 0.16484 0.16469 -0.09002 0.07416  -0.01406 103 IPH A C1  
381 C C2  A IPH D . ? 0.06335 0.07792 0.08580 0.01507  -0.01152 -0.00494 103 IPH A C2  
382 C C2  D IPH D . ? 0.25087 0.16234 0.16200 -0.09183 0.07571  -0.01204 103 IPH A C2  
383 C C3  A IPH D . ? 0.06112 0.07002 0.09540 0.01070  -0.01059 -0.00501 103 IPH A C3  
384 C C3  D IPH D . ? 0.24963 0.15946 0.15876 -0.09176 0.07656  -0.01122 103 IPH A C3  
385 C C4  A IPH D . ? 0.04724 0.06803 0.08886 0.00347  -0.00460 0.01019  103 IPH A C4  
386 C C4  D IPH D . ? 0.25293 0.15773 0.15875 -0.09195 0.07719  -0.01247 103 IPH A C4  
387 C C5  A IPH D . ? 0.04904 0.07421 0.07420 0.00135  -0.00468 0.01560  103 IPH A C5  
388 C C5  D IPH D . ? 0.25385 0.15859 0.15994 -0.09209 0.07690  -0.01317 103 IPH A C5  
389 C C6  A IPH D . ? 0.05865 0.07305 0.06376 0.00608  -0.00194 0.01060  103 IPH A C6  
390 C C6  D IPH D . ? 0.25409 0.15898 0.16383 -0.09189 0.07443  -0.01337 103 IPH A C6  
391 O O1  A IPH D . ? 0.06868 0.08515 0.08832 0.02763  -0.00323 0.00838  103 IPH A O1  
392 O O1  D IPH D . ? 0.25438 0.17344 0.17113 -0.08425 0.06932  -0.01814 103 IPH A O1  
405 O O   A HOH E . ? 0.75514 0.38005 0.33190 0.08194  -0.07337 -0.13123 201 HOH A O   
406 O O   B HOH E . ? 0.24071 0.15677 0.24974 -0.00009 0.07844  -0.00126 201 HOH A O   
407 O O   A HOH E . ? 0.10579 0.18340 0.13902 0.00728  0.01090  -0.07241 202 HOH A O   
408 O O   B HOH E . ? 0.13743 0.15248 0.15386 0.07018  -0.04178 -0.07107 202 HOH A O   
409 O O   . HOH E . ? 0.19736 0.10912 0.36007 0.00894  -0.07077 0.00829  203 HOH A O   
410 O O   . HOH E . ? 0.12324 0.11440 0.11089 0.03715  -0.03461 0.00414  204 HOH A O   
411 O O   . HOH E . ? 0.65283 0.62975 0.57989 0.13116  0.21817  -0.24084 205 HOH A O   
412 O O   A HOH E . ? 0.40209 0.21155 0.41452 -0.11653 -0.17109 0.06606  206 HOH A O   
413 O O   B HOH E . ? 0.39474 0.15238 0.18948 -0.03817 -0.00697 0.02210  206 HOH A O   
414 O O   C HOH E . ? 0.21649 0.35598 0.19321 0.01849  -0.07755 -0.10469 206 HOH A O   
415 O O   . HOH E . ? 0.52203 0.37686 0.86299 -0.05849 -0.13378 -0.22772 207 HOH A O   
416 O O   A HOH E . ? 0.16511 0.13500 0.17099 -0.02813 -0.02564 0.04961  208 HOH A O   
417 O O   B HOH E . ? 0.47546 0.14715 0.31853 -0.02487 0.03762  0.06596  208 HOH A O   
418 O O   A HOH E . ? 0.53268 0.42809 0.30179 0.10494  -0.12005 -0.09944 209 HOH A O   
419 O O   B HOH E . ? 0.36794 0.14818 0.37293 -0.02502 0.05047  -0.01134 209 HOH A O   
420 O O   . HOH E . ? 0.27019 0.23010 0.28914 0.08029  0.02992  0.13015  210 HOH A O   
421 O O   A HOH E . ? 0.55741 0.75140 0.35666 -0.21047 0.01334  0.20456  211 HOH A O   
422 O O   B HOH E . ? 0.65992 0.66889 0.34979 -0.11540 -0.13213 -0.19226 211 HOH A O   
423 O O   . HOH E . ? 1.30327 0.57950 0.86610 0.13773  -0.21586 -0.32501 212 HOH A O   
424 O O   A HOH E . ? 0.87201 0.41733 0.73066 -0.10635 0.06431  0.28501  213 HOH A O   
425 O O   B HOH E . ? 0.15568 0.36236 0.17540 0.09297  -0.02201 0.04534  213 HOH A O   
426 O O   A HOH E . ? 0.09409 0.17951 0.16465 0.03974  -0.02887 -0.05986 214 HOH A O   
427 O O   B HOH E . ? 0.13445 0.12603 0.12839 -0.00843 -0.03545 -0.00267 214 HOH A O   
428 O O   C HOH E . ? 0.25427 0.07991 0.10608 -0.00368 0.04991  -0.00003 214 HOH A O   
429 O O   A HOH E . ? 0.18193 0.16988 0.21828 0.05461  -0.10107 -0.06655 215 HOH A O   
430 O O   B HOH E . ? 0.51425 0.16490 0.20885 -0.01212 -0.10403 -0.02242 215 HOH A O   
431 O O   C HOH E . ? 0.12907 0.17659 0.15316 0.06769  0.02970  -0.04032 215 HOH A O   
432 O O   . HOH E . ? 0.44847 0.47443 0.59558 0.16423  -0.01796 0.14382  216 HOH A O   
433 O O   A HOH E . ? 0.54430 0.36163 0.46455 0.08599  -0.07155 -0.22684 217 HOH A O   
434 O O   B HOH E . ? 0.64536 0.19519 0.50355 0.05232  0.09001  -0.06296 217 HOH A O   
435 O O   . HOH E . ? 1.34757 0.66020 1.30696 0.18815  -0.27015 0.09299  218 HOH A O   
436 O O   A HOH E . ? 0.28135 0.61141 0.44729 0.01545  -0.08546 -0.02448 219 HOH A O   
437 O O   B HOH E . ? 0.23945 0.21559 0.31819 0.07783  0.02326  -0.03692 219 HOH A O   
438 O O   A HOH E . ? 0.59191 0.48648 0.45549 0.19509  0.01150  -0.19530 220 HOH A O   
439 O O   B HOH E . ? 0.46513 0.20169 0.35728 0.11938  -0.00224 0.06083  220 HOH A O   
440 O O   . HOH E . ? 0.47508 0.83900 0.96186 0.23113  0.05676  -0.29572 221 HOH A O   
# 
